data_4CM3
#
_entry.id   4CM3
#
_cell.length_a   74.134
_cell.length_b   89.750
_cell.length_c   82.375
_cell.angle_alpha   90.00
_cell.angle_beta   115.48
_cell.angle_gamma   90.00
#
_symmetry.space_group_name_H-M   'P 1 21 1'
#
loop_
_entity.id
_entity.type
_entity.pdbx_description
1 polymer 'PTERIDINE REDUCTASE 1'
2 non-polymer (2R,3S)-1,4-DIMERCAPTOBUTANE-2,3-DIOL
3 non-polymer 'NADP NICOTINAMIDE-ADENINE-DINUCLEOTIDE PHOSPHATE'
4 non-polymer 5-phenyl-7H-pyrrolo[2,3-d]pyrimidine-2,4-diamine
5 non-polymer 'ACETATE ION'
6 water water
#
_entity_poly.entity_id   1
_entity_poly.type   'polypeptide(L)'
_entity_poly.pdbx_seq_one_letter_code
;MGSSHHHHHHSSGLVPRGSHMEAPAAVVTGAAKRIGRAIAVKLHQTGYRVVIHYHNSAEAAVSLADELNKERSNTAVVCQ
ADLTNSNVLPASCEEIINSCFRAFGRCDVLVNNASAFYPTPLVQGDHEDNSNGKTVETQVAELIGTNAIAPFLLTMSFAQ
RQKGTNPNCTSSNLSIVNLCDAMVDQPCMAFSLYNMGKHALVGLTQSAALELAPYGIRVNGVAPGVSLLPVAMGEEEKDK
WRRKVPLGRREASAEQIADAVIFLVSGSAQYITGSIIKVDGGLSLVHA
;
_entity_poly.pdbx_strand_id   A,B,C,D
#
loop_
_chem_comp.id
_chem_comp.type
_chem_comp.name
_chem_comp.formula
ACT non-polymer 'ACETATE ION' 'C2 H3 O2 -1'
DTU non-polymer (2R,3S)-1,4-DIMERCAPTOBUTANE-2,3-DIOL 'C4 H10 O2 S2'
KP2 non-polymer 5-phenyl-7H-pyrrolo[2,3-d]pyrimidine-2,4-diamine 'C12 H11 N5'
NAP non-polymer 'NADP NICOTINAMIDE-ADENINE-DINUCLEOTIDE PHOSPHATE' 'C21 H28 N7 O17 P3'
#
# COMPACT_ATOMS: atom_id res chain seq x y z
N GLU A 22 -27.46 28.51 -12.19
CA GLU A 22 -26.57 28.24 -13.34
C GLU A 22 -25.81 26.95 -13.10
N ALA A 23 -25.75 26.15 -14.15
CA ALA A 23 -25.24 24.83 -14.05
C ALA A 23 -23.70 24.84 -13.98
N PRO A 24 -23.12 23.86 -13.28
CA PRO A 24 -21.69 23.76 -13.29
C PRO A 24 -21.26 23.16 -14.62
N ALA A 25 -19.97 23.24 -14.90
CA ALA A 25 -19.38 22.73 -16.13
C ALA A 25 -18.22 21.76 -15.81
N ALA A 26 -18.06 20.72 -16.63
CA ALA A 26 -17.02 19.71 -16.44
C ALA A 26 -16.24 19.44 -17.72
N VAL A 27 -14.94 19.22 -17.61
CA VAL A 27 -14.14 18.74 -18.73
C VAL A 27 -13.92 17.24 -18.52
N VAL A 28 -14.30 16.42 -19.51
CA VAL A 28 -13.96 15.00 -19.50
C VAL A 28 -13.05 14.73 -20.70
N THR A 29 -11.84 14.21 -20.44
CA THR A 29 -10.89 13.91 -21.51
C THR A 29 -11.18 12.55 -22.11
N GLY A 30 -10.89 12.37 -23.39
CA GLY A 30 -11.19 11.12 -24.09
C GLY A 30 -12.62 10.64 -23.91
N ALA A 31 -13.51 11.59 -24.07
CA ALA A 31 -14.96 11.44 -23.79
C ALA A 31 -15.86 11.00 -24.96
N ALA A 32 -15.29 10.60 -26.08
CA ALA A 32 -16.10 10.35 -27.26
C ALA A 32 -16.82 9.01 -27.18
N LYS A 33 -16.22 8.07 -26.46
CA LYS A 33 -16.78 6.75 -26.37
C LYS A 33 -16.46 6.09 -25.03
N ARG A 34 -16.97 4.87 -24.88
CA ARG A 34 -16.60 3.99 -23.80
C ARG A 34 -16.77 4.67 -22.42
N ILE A 35 -15.80 4.56 -21.51
CA ILE A 35 -15.96 5.09 -20.14
C ILE A 35 -16.00 6.62 -20.08
N GLY A 36 -15.17 7.30 -20.87
CA GLY A 36 -15.25 8.74 -20.84
C GLY A 36 -16.62 9.26 -21.28
N ARG A 37 -17.20 8.68 -22.32
CA ARG A 37 -18.57 9.07 -22.75
C ARG A 37 -19.56 8.80 -21.67
N ALA A 38 -19.43 7.64 -21.04
CA ALA A 38 -20.32 7.30 -19.95
C ALA A 38 -20.20 8.32 -18.83
N ILE A 39 -18.98 8.72 -18.48
CA ILE A 39 -18.81 9.80 -17.47
C ILE A 39 -19.47 11.13 -17.94
N ALA A 40 -19.19 11.52 -19.18
CA ALA A 40 -19.73 12.77 -19.68
C ALA A 40 -21.23 12.71 -19.61
N VAL A 41 -21.82 11.61 -20.05
CA VAL A 41 -23.26 11.49 -20.06
C VAL A 41 -23.89 11.56 -18.70
N LYS A 42 -23.25 10.93 -17.72
CA LYS A 42 -23.80 10.92 -16.38
C LYS A 42 -23.65 12.33 -15.76
N LEU A 43 -22.52 12.99 -15.99
CA LEU A 43 -22.34 14.31 -15.45
C LEU A 43 -23.42 15.20 -16.07
N HIS A 44 -23.64 15.03 -17.37
CA HIS A 44 -24.69 15.78 -18.03
C HIS A 44 -26.06 15.50 -17.41
N GLN A 45 -26.40 14.24 -17.18
CA GLN A 45 -27.72 13.91 -16.57
C GLN A 45 -27.90 14.47 -15.18
N THR A 46 -26.79 14.72 -14.50
CA THR A 46 -26.76 15.23 -13.14
C THR A 46 -26.91 16.72 -13.17
N GLY A 47 -26.78 17.31 -14.35
CA GLY A 47 -27.02 18.72 -14.52
C GLY A 47 -25.81 19.50 -14.98
N TYR A 48 -24.69 18.82 -15.22
CA TYR A 48 -23.49 19.52 -15.66
C TYR A 48 -23.57 19.85 -17.13
N ARG A 49 -22.91 20.95 -17.52
CA ARG A 49 -22.55 21.18 -18.91
C ARG A 49 -21.17 20.60 -19.09
N VAL A 50 -20.89 20.08 -20.30
CA VAL A 50 -19.66 19.31 -20.49
C VAL A 50 -18.85 19.66 -21.71
N VAL A 51 -17.52 19.61 -21.56
CA VAL A 51 -16.59 19.67 -22.65
C VAL A 51 -16.13 18.24 -22.98
N ILE A 52 -16.52 17.73 -24.14
CA ILE A 52 -16.13 16.43 -24.59
C ILE A 52 -14.80 16.54 -25.32
N HIS A 53 -13.68 16.24 -24.63
CA HIS A 53 -12.40 16.27 -25.33
C HIS A 53 -12.29 14.95 -26.09
N TYR A 54 -11.59 15.02 -27.20
CA TYR A 54 -11.26 13.84 -27.98
C TYR A 54 -9.99 14.12 -28.75
N HIS A 55 -9.46 13.06 -29.34
CA HIS A 55 -8.22 13.13 -30.11
C HIS A 55 -8.52 12.74 -31.57
N ASN A 56 -8.74 11.45 -31.84
CA ASN A 56 -9.08 11.02 -33.19
C ASN A 56 -10.55 10.82 -33.44
N SER A 57 -11.36 10.62 -32.39
CA SER A 57 -12.74 10.14 -32.59
C SER A 57 -13.70 11.31 -32.73
N ALA A 58 -13.51 12.11 -33.77
CA ALA A 58 -14.36 13.27 -33.98
C ALA A 58 -15.84 12.95 -34.19
N GLU A 59 -16.14 11.89 -34.95
CA GLU A 59 -17.55 11.65 -35.34
C GLU A 59 -18.30 11.29 -34.06
N ALA A 60 -17.69 10.38 -33.31
CA ALA A 60 -18.31 9.92 -32.07
C ALA A 60 -18.53 11.09 -31.07
N ALA A 61 -17.55 12.01 -31.02
CA ALA A 61 -17.61 13.17 -30.15
C ALA A 61 -18.74 14.09 -30.55
N VAL A 62 -18.77 14.48 -31.82
CA VAL A 62 -19.84 15.36 -32.31
C VAL A 62 -21.19 14.70 -32.12
N SER A 63 -21.27 13.41 -32.39
CA SER A 63 -22.52 12.67 -32.18
C SER A 63 -22.96 12.70 -30.70
N LEU A 64 -22.01 12.58 -29.77
CA LEU A 64 -22.33 12.65 -28.35
C LEU A 64 -22.81 14.04 -28.00
N ALA A 65 -22.04 15.09 -28.34
CA ALA A 65 -22.48 16.45 -28.05
C ALA A 65 -23.86 16.74 -28.65
N ASP A 66 -24.10 16.28 -29.88
CA ASP A 66 -25.44 16.41 -30.50
C ASP A 66 -26.54 15.86 -29.61
N GLU A 67 -26.45 14.59 -29.24
CA GLU A 67 -27.44 14.01 -28.32
C GLU A 67 -27.62 14.85 -27.04
N LEU A 68 -26.52 15.26 -26.41
CA LEU A 68 -26.61 16.03 -25.16
C LEU A 68 -27.25 17.39 -25.36
N ASN A 69 -26.87 18.09 -26.42
CA ASN A 69 -27.48 19.39 -26.74
C ASN A 69 -28.99 19.31 -27.08
N LYS A 70 -29.40 18.19 -27.66
CA LYS A 70 -30.78 17.97 -28.00
C LYS A 70 -31.61 17.71 -26.77
N GLU A 71 -30.92 17.26 -25.73
CA GLU A 71 -31.51 17.14 -24.43
C GLU A 71 -31.63 18.52 -23.71
N ARG A 72 -30.58 19.33 -23.78
CA ARG A 72 -30.61 20.67 -23.21
C ARG A 72 -29.69 21.50 -24.07
N SER A 73 -30.22 22.58 -24.63
CA SER A 73 -29.48 23.36 -25.60
C SER A 73 -28.30 24.05 -25.02
N ASN A 74 -27.20 24.06 -25.79
CA ASN A 74 -25.99 24.73 -25.41
C ASN A 74 -25.44 24.21 -24.06
N THR A 75 -25.43 22.90 -23.89
CA THR A 75 -24.78 22.33 -22.71
C THR A 75 -23.54 21.46 -23.01
N ALA A 76 -23.22 21.25 -24.29
CA ALA A 76 -22.17 20.33 -24.66
C ALA A 76 -21.35 20.86 -25.83
N VAL A 77 -20.04 20.87 -25.69
CA VAL A 77 -19.12 21.19 -26.79
C VAL A 77 -18.03 20.14 -26.85
N VAL A 78 -17.38 20.04 -27.99
CA VAL A 78 -16.21 19.17 -28.17
C VAL A 78 -14.92 20.00 -28.23
N CYS A 79 -13.76 19.37 -28.03
CA CYS A 79 -12.49 20.07 -28.05
C CYS A 79 -11.36 19.08 -28.36
N GLN A 80 -10.75 19.23 -29.53
CA GLN A 80 -9.81 18.25 -30.03
C GLN A 80 -8.48 18.57 -29.43
N ALA A 81 -7.77 17.54 -28.97
CA ALA A 81 -6.37 17.72 -28.64
C ALA A 81 -5.65 16.41 -28.52
N ASP A 82 -4.42 16.41 -28.99
CA ASP A 82 -3.48 15.37 -28.76
C ASP A 82 -2.89 15.59 -27.37
N LEU A 83 -2.93 14.55 -26.55
CA LEU A 83 -2.34 14.62 -25.21
C LEU A 83 -1.03 13.90 -25.05
N THR A 84 -0.38 13.53 -26.17
CA THR A 84 0.99 13.06 -26.20
C THR A 84 1.89 14.08 -25.58
N ASN A 85 2.92 13.68 -24.82
CA ASN A 85 3.85 14.64 -24.29
C ASN A 85 4.63 15.37 -25.43
N SER A 86 4.79 16.66 -25.28
CA SER A 86 5.64 17.46 -26.16
C SER A 86 5.82 18.83 -25.52
N ASN A 87 6.62 19.69 -26.14
CA ASN A 87 6.86 21.00 -25.58
C ASN A 87 5.64 21.90 -25.69
N VAL A 88 4.68 21.58 -26.54
CA VAL A 88 3.46 22.38 -26.62
C VAL A 88 2.30 21.77 -25.83
N LEU A 89 2.53 20.59 -25.26
CA LEU A 89 1.48 19.97 -24.48
C LEU A 89 0.95 20.94 -23.40
N PRO A 90 1.80 21.72 -22.71
CA PRO A 90 1.14 22.61 -21.70
C PRO A 90 0.10 23.62 -22.25
N ALA A 91 0.41 24.23 -23.39
CA ALA A 91 -0.58 25.04 -24.13
C ALA A 91 -1.81 24.29 -24.58
N SER A 92 -1.66 23.10 -25.14
CA SER A 92 -2.81 22.27 -25.44
C SER A 92 -3.68 22.06 -24.18
N CYS A 93 -3.06 21.73 -23.04
CA CYS A 93 -3.89 21.51 -21.81
C CYS A 93 -4.53 22.81 -21.32
N GLU A 94 -3.77 23.90 -21.37
CA GLU A 94 -4.37 25.20 -21.05
C GLU A 94 -5.57 25.56 -21.96
N GLU A 95 -5.51 25.20 -23.23
CA GLU A 95 -6.61 25.53 -24.15
C GLU A 95 -7.84 24.71 -23.84
N ILE A 96 -7.65 23.45 -23.42
CA ILE A 96 -8.78 22.61 -23.08
C ILE A 96 -9.58 23.25 -21.97
N ILE A 97 -8.89 23.69 -20.93
CA ILE A 97 -9.59 24.34 -19.83
C ILE A 97 -10.20 25.67 -20.31
N ASN A 98 -9.44 26.44 -21.08
CA ASN A 98 -10.00 27.68 -21.64
C ASN A 98 -11.28 27.45 -22.39
N SER A 99 -11.37 26.33 -23.13
CA SER A 99 -12.53 26.02 -23.94
C SER A 99 -13.76 25.83 -23.09
N CYS A 100 -13.55 25.32 -21.86
CA CYS A 100 -14.67 25.17 -20.93
C CYS A 100 -15.13 26.55 -20.44
N PHE A 101 -14.18 27.39 -20.07
CA PHE A 101 -14.50 28.79 -19.67
C PHE A 101 -15.07 29.59 -20.86
N ARG A 102 -14.58 29.36 -22.09
CA ARG A 102 -15.15 30.07 -23.27
C ARG A 102 -16.59 29.71 -23.42
N ALA A 103 -16.85 28.40 -23.42
CA ALA A 103 -18.17 27.89 -23.68
C ALA A 103 -19.17 28.16 -22.56
N PHE A 104 -18.74 28.01 -21.31
CA PHE A 104 -19.69 27.98 -20.17
C PHE A 104 -19.38 28.99 -19.09
N GLY A 105 -18.25 29.68 -19.16
CA GLY A 105 -17.93 30.69 -18.15
C GLY A 105 -17.41 30.17 -16.83
N ARG A 106 -17.29 28.86 -16.72
CA ARG A 106 -16.74 28.31 -15.48
C ARG A 106 -16.24 26.89 -15.79
N CYS A 107 -15.34 26.38 -14.93
CA CYS A 107 -14.94 24.97 -14.96
C CYS A 107 -14.91 24.42 -13.51
N ASP A 108 -15.87 23.55 -13.16
CA ASP A 108 -16.02 23.04 -11.77
C ASP A 108 -15.31 21.67 -11.56
N VAL A 109 -15.29 20.89 -12.64
CA VAL A 109 -14.85 19.47 -12.60
C VAL A 109 -13.94 19.16 -13.79
N LEU A 110 -12.85 18.46 -13.50
CA LEU A 110 -11.97 17.90 -14.55
C LEU A 110 -11.90 16.39 -14.32
N VAL A 111 -12.20 15.57 -15.34
CA VAL A 111 -11.98 14.14 -15.29
C VAL A 111 -10.84 13.80 -16.25
N ASN A 112 -9.73 13.24 -15.72
CA ASN A 112 -8.63 12.83 -16.54
C ASN A 112 -8.88 11.35 -16.89
N ASN A 113 -9.45 11.14 -18.08
CA ASN A 113 -9.82 9.82 -18.59
C ASN A 113 -9.00 9.31 -19.78
N ALA A 114 -8.55 10.25 -20.63
CA ALA A 114 -7.92 9.89 -21.89
C ALA A 114 -6.67 9.12 -21.54
N SER A 115 -6.47 8.04 -22.27
CA SER A 115 -5.37 7.15 -21.99
C SER A 115 -4.97 6.37 -23.19
N ALA A 116 -3.68 6.42 -23.53
CA ALA A 116 -3.02 5.47 -24.45
C ALA A 116 -2.55 4.21 -23.71
N PHE A 117 -2.69 3.05 -24.35
CA PHE A 117 -2.55 1.78 -23.69
C PHE A 117 -2.10 0.81 -24.76
N TYR A 118 -0.90 0.27 -24.60
CA TYR A 118 -0.37 -0.77 -25.47
C TYR A 118 0.94 -1.26 -24.85
N PRO A 119 1.34 -2.49 -25.20
CA PRO A 119 2.59 -3.05 -24.64
C PRO A 119 3.88 -2.33 -25.09
N THR A 120 4.86 -2.34 -24.22
CA THR A 120 6.21 -1.83 -24.55
C THR A 120 7.24 -2.78 -23.96
N PRO A 121 7.44 -3.94 -24.62
CA PRO A 121 8.36 -4.95 -24.09
C PRO A 121 9.76 -4.39 -23.77
N LEU A 122 10.31 -4.75 -22.63
CA LEU A 122 11.66 -4.33 -22.25
C LEU A 122 12.75 -5.01 -23.12
N VAL A 123 12.49 -6.24 -23.57
CA VAL A 123 13.43 -6.98 -24.45
C VAL A 123 12.81 -7.20 -25.84
N GLN A 124 13.63 -6.97 -26.87
CA GLN A 124 13.28 -7.17 -28.28
C GLN A 124 14.49 -7.65 -29.08
N GLY A 133 7.14 -0.14 -36.35
CA GLY A 133 6.15 0.64 -35.59
C GLY A 133 6.78 1.83 -34.87
N LYS A 134 6.34 2.09 -33.64
CA LYS A 134 6.73 3.31 -32.94
C LYS A 134 8.11 3.28 -32.33
N THR A 135 8.78 4.44 -32.39
CA THR A 135 10.04 4.66 -31.67
C THR A 135 9.82 4.64 -30.16
N VAL A 136 10.85 4.28 -29.42
CA VAL A 136 10.72 4.30 -27.97
C VAL A 136 10.32 5.72 -27.52
N GLU A 137 10.95 6.74 -28.09
CA GLU A 137 10.64 8.14 -27.77
C GLU A 137 9.17 8.37 -27.84
N THR A 138 8.56 7.92 -28.92
CA THR A 138 7.13 8.12 -29.14
C THR A 138 6.29 7.32 -28.15
N GLN A 139 6.71 6.10 -27.88
CA GLN A 139 6.05 5.32 -26.87
C GLN A 139 6.05 6.11 -25.54
N VAL A 140 7.20 6.63 -25.15
CA VAL A 140 7.28 7.31 -23.88
C VAL A 140 6.33 8.50 -23.89
N ALA A 141 6.40 9.28 -24.97
CA ALA A 141 5.57 10.47 -25.06
C ALA A 141 4.09 10.20 -24.95
N GLU A 142 3.58 9.17 -25.64
CA GLU A 142 2.15 8.88 -25.65
C GLU A 142 1.72 8.25 -24.34
N LEU A 143 2.47 7.26 -23.86
CA LEU A 143 2.01 6.51 -22.70
C LEU A 143 2.16 7.37 -21.42
N ILE A 144 3.31 8.02 -21.24
CA ILE A 144 3.50 8.87 -20.07
C ILE A 144 2.72 10.17 -20.26
N GLY A 145 2.73 10.68 -21.51
CA GLY A 145 2.04 11.90 -21.79
C GLY A 145 0.56 11.82 -21.49
N THR A 146 -0.12 10.83 -22.03
CA THR A 146 -1.59 10.79 -21.81
C THR A 146 -1.95 10.37 -20.42
N ASN A 147 -1.15 9.49 -19.82
CA ASN A 147 -1.59 8.92 -18.50
C ASN A 147 -1.17 9.75 -17.31
N ALA A 148 -0.15 10.59 -17.48
CA ALA A 148 0.37 11.36 -16.34
C ALA A 148 0.72 12.82 -16.60
N ILE A 149 1.49 13.09 -17.66
CA ILE A 149 1.92 14.47 -17.90
C ILE A 149 0.73 15.39 -18.26
N ALA A 150 -0.12 14.99 -19.18
CA ALA A 150 -1.31 15.78 -19.47
C ALA A 150 -2.24 15.94 -18.23
N PRO A 151 -2.42 14.87 -17.46
CA PRO A 151 -3.20 15.16 -16.25
C PRO A 151 -2.60 16.20 -15.32
N PHE A 152 -1.27 16.24 -15.26
CA PHE A 152 -0.57 17.19 -14.41
C PHE A 152 -0.76 18.60 -14.94
N LEU A 153 -0.57 18.75 -16.25
CA LEU A 153 -0.67 20.07 -16.89
C LEU A 153 -2.08 20.57 -16.83
N LEU A 154 -3.03 19.66 -17.03
CA LEU A 154 -4.42 20.06 -16.95
C LEU A 154 -4.85 20.42 -15.54
N THR A 155 -4.31 19.72 -14.56
CA THR A 155 -4.57 20.06 -13.14
C THR A 155 -4.00 21.49 -12.90
N MET A 156 -2.78 21.73 -13.35
CA MET A 156 -2.17 23.06 -13.30
C MET A 156 -3.07 24.15 -13.86
N SER A 157 -3.58 23.96 -15.08
CA SER A 157 -4.43 25.00 -15.69
C SER A 157 -5.77 25.17 -14.98
N PHE A 158 -6.36 24.03 -14.61
CA PHE A 158 -7.64 24.03 -13.92
C PHE A 158 -7.52 24.85 -12.63
N ALA A 159 -6.46 24.60 -11.87
CA ALA A 159 -6.29 25.35 -10.60
C ALA A 159 -5.99 26.82 -10.96
N GLN A 160 -5.02 27.02 -11.84
CA GLN A 160 -4.57 28.38 -12.16
C GLN A 160 -5.75 29.23 -12.61
N ARG A 161 -6.62 28.67 -13.43
CA ARG A 161 -7.76 29.46 -13.95
C ARG A 161 -8.91 29.73 -12.99
N GLN A 162 -8.84 29.23 -11.75
CA GLN A 162 -9.83 29.56 -10.71
C GLN A 162 -9.44 30.87 -10.02
N SER A 171 -21.33 27.39 -1.93
CA SER A 171 -21.78 27.39 -3.32
C SER A 171 -20.93 26.47 -4.23
N SER A 172 -19.62 26.69 -4.31
CA SER A 172 -18.75 25.93 -5.23
C SER A 172 -18.32 24.55 -4.70
N ASN A 173 -18.14 23.62 -5.63
CA ASN A 173 -17.63 22.29 -5.32
C ASN A 173 -16.71 21.85 -6.43
N LEU A 174 -15.47 22.31 -6.38
CA LEU A 174 -14.45 21.99 -7.40
C LEU A 174 -13.76 20.66 -7.10
N SER A 175 -13.74 19.76 -8.07
CA SER A 175 -12.88 18.60 -7.89
C SER A 175 -12.33 18.10 -9.20
N ILE A 176 -11.35 17.22 -9.03
CA ILE A 176 -10.70 16.54 -10.11
C ILE A 176 -10.82 15.05 -9.83
N VAL A 177 -11.12 14.31 -10.87
CA VAL A 177 -11.13 12.88 -10.79
C VAL A 177 -10.21 12.23 -11.86
N ASN A 178 -9.29 11.42 -11.39
CA ASN A 178 -8.33 10.80 -12.24
C ASN A 178 -8.65 9.34 -12.45
N LEU A 179 -8.69 8.89 -13.71
CA LEU A 179 -9.00 7.50 -13.99
C LEU A 179 -7.71 6.66 -13.86
N CYS A 180 -7.66 5.84 -12.81
CA CYS A 180 -6.44 5.17 -12.46
C CYS A 180 -6.60 3.70 -12.91
N ASP A 181 -6.08 2.75 -12.15
CA ASP A 181 -6.06 1.38 -12.54
C ASP A 181 -5.83 0.52 -11.32
N ALA A 182 -6.86 -0.28 -10.96
CA ALA A 182 -6.82 -1.09 -9.75
C ALA A 182 -5.68 -2.08 -9.79
N MET A 183 -5.20 -2.40 -10.99
CA MET A 183 -4.11 -3.34 -11.17
C MET A 183 -2.69 -2.79 -11.22
N VAL A 184 -2.47 -1.54 -10.79
CA VAL A 184 -1.10 -0.97 -10.86
C VAL A 184 -0.01 -1.73 -10.15
N ASP A 185 -0.36 -2.47 -9.10
CA ASP A 185 0.64 -3.22 -8.37
C ASP A 185 0.75 -4.69 -8.74
N GLN A 186 -0.10 -5.13 -9.65
CA GLN A 186 -0.04 -6.46 -10.27
C GLN A 186 -0.15 -6.25 -11.80
N PRO A 187 0.87 -5.68 -12.40
CA PRO A 187 0.73 -5.17 -13.75
C PRO A 187 0.79 -6.26 -14.83
N CYS A 188 0.21 -5.95 -15.98
CA CYS A 188 0.23 -6.87 -17.13
C CYS A 188 1.64 -6.95 -17.64
N MET A 189 1.98 -8.12 -18.14
CA MET A 189 3.28 -8.38 -18.69
C MET A 189 3.59 -7.44 -19.84
N ALA A 190 4.79 -6.86 -19.84
CA ALA A 190 5.32 -6.05 -20.92
C ALA A 190 4.63 -4.71 -21.10
N PHE A 191 4.01 -4.20 -20.04
CA PHE A 191 3.35 -2.91 -20.12
C PHE A 191 4.08 -1.87 -19.25
N SER A 192 5.41 -1.90 -19.17
CA SER A 192 6.10 -1.06 -18.18
C SER A 192 5.84 0.44 -18.31
N LEU A 193 5.81 0.98 -19.53
CA LEU A 193 5.60 2.42 -19.70
C LEU A 193 4.18 2.80 -19.33
N TYR A 194 3.22 1.98 -19.72
CA TYR A 194 1.82 2.31 -19.34
C TYR A 194 1.65 2.29 -17.81
N ASN A 195 2.25 1.30 -17.19
CA ASN A 195 2.12 1.12 -15.73
C ASN A 195 2.83 2.25 -14.98
N MET A 196 3.99 2.64 -15.50
CA MET A 196 4.70 3.82 -15.03
C MET A 196 3.83 5.04 -14.96
N GLY A 197 3.09 5.27 -16.04
CA GLY A 197 2.23 6.39 -16.15
C GLY A 197 1.06 6.35 -15.17
N LYS A 198 0.43 5.19 -15.02
CA LYS A 198 -0.67 5.10 -14.06
C LYS A 198 -0.15 5.27 -12.61
N HIS A 199 1.06 4.84 -12.34
CA HIS A 199 1.65 4.98 -11.02
C HIS A 199 1.95 6.45 -10.79
N ALA A 200 2.48 7.10 -11.85
CA ALA A 200 2.67 8.55 -11.72
C ALA A 200 1.35 9.27 -11.47
N LEU A 201 0.25 8.76 -12.03
CA LEU A 201 -1.06 9.41 -11.88
C LEU A 201 -1.56 9.28 -10.44
N VAL A 202 -1.20 8.15 -9.80
CA VAL A 202 -1.45 8.03 -8.36
C VAL A 202 -0.74 9.13 -7.63
N GLY A 203 0.53 9.29 -7.97
CA GLY A 203 1.40 10.28 -7.41
C GLY A 203 0.84 11.66 -7.53
N LEU A 204 0.35 12.00 -8.72
CA LEU A 204 -0.31 13.27 -8.99
C LEU A 204 -1.57 13.38 -8.13
N THR A 205 -2.37 12.33 -8.08
CA THR A 205 -3.64 12.40 -7.34
C THR A 205 -3.35 12.82 -5.89
N GLN A 206 -2.35 12.19 -5.28
CA GLN A 206 -1.99 12.44 -3.94
C GLN A 206 -1.34 13.83 -3.76
N SER A 207 -0.30 14.11 -4.55
CA SER A 207 0.36 15.43 -4.52
C SER A 207 -0.57 16.56 -4.75
N ALA A 208 -1.44 16.44 -5.76
CA ALA A 208 -2.34 17.51 -6.09
C ALA A 208 -3.42 17.65 -5.01
N ALA A 209 -3.88 16.53 -4.45
CA ALA A 209 -4.88 16.63 -3.38
C ALA A 209 -4.31 17.42 -2.22
N LEU A 210 -3.05 17.18 -1.91
CA LEU A 210 -2.38 17.87 -0.81
C LEU A 210 -2.26 19.37 -1.11
N GLU A 211 -1.75 19.68 -2.30
CA GLU A 211 -1.37 21.05 -2.65
C GLU A 211 -2.58 21.94 -2.91
N LEU A 212 -3.65 21.39 -3.47
CA LEU A 212 -4.86 22.16 -3.83
C LEU A 212 -6.02 22.20 -2.82
N ALA A 213 -5.89 21.44 -1.74
CA ALA A 213 -6.90 21.45 -0.66
C ALA A 213 -7.10 22.86 -0.07
N PRO A 214 -6.01 23.65 0.15
CA PRO A 214 -6.21 25.00 0.69
C PRO A 214 -7.03 25.91 -0.24
N TYR A 215 -7.10 25.55 -1.53
CA TYR A 215 -7.97 26.25 -2.47
C TYR A 215 -9.37 25.67 -2.59
N GLY A 216 -9.71 24.64 -1.81
CA GLY A 216 -11.00 24.00 -1.94
C GLY A 216 -11.09 23.01 -3.09
N ILE A 217 -9.99 22.70 -3.77
CA ILE A 217 -10.11 21.73 -4.87
C ILE A 217 -9.73 20.32 -4.36
N ARG A 218 -10.69 19.41 -4.45
CA ARG A 218 -10.51 17.96 -4.17
C ARG A 218 -9.96 17.22 -5.39
N VAL A 219 -9.06 16.26 -5.15
CA VAL A 219 -8.48 15.47 -6.24
C VAL A 219 -8.52 14.02 -5.82
N ASN A 220 -9.23 13.20 -6.56
CA ASN A 220 -9.39 11.79 -6.23
C ASN A 220 -9.25 10.98 -7.46
N GLY A 221 -9.41 9.67 -7.31
CA GLY A 221 -9.33 8.79 -8.42
C GLY A 221 -10.30 7.68 -8.37
N VAL A 222 -10.48 7.07 -9.53
CA VAL A 222 -11.37 5.95 -9.73
C VAL A 222 -10.55 4.93 -10.48
N ALA A 223 -10.47 3.73 -9.93
CA ALA A 223 -9.57 2.71 -10.42
C ALA A 223 -10.35 1.49 -10.90
N PRO A 224 -10.59 1.42 -12.23
CA PRO A 224 -11.18 0.20 -12.76
C PRO A 224 -10.21 -0.97 -12.69
N GLY A 225 -10.76 -2.18 -12.74
CA GLY A 225 -9.96 -3.37 -12.94
C GLY A 225 -10.10 -3.80 -14.37
N VAL A 226 -11.14 -4.58 -14.63
CA VAL A 226 -11.57 -4.92 -15.96
C VAL A 226 -12.92 -4.25 -16.13
N SER A 227 -12.98 -3.33 -17.07
CA SER A 227 -14.24 -2.75 -17.48
C SER A 227 -14.34 -3.11 -18.96
N LEU A 228 -14.88 -2.20 -19.77
CA LEU A 228 -15.07 -2.50 -21.18
C LEU A 228 -13.78 -2.95 -21.78
N LEU A 229 -13.83 -4.16 -22.34
CA LEU A 229 -12.67 -4.74 -22.98
C LEU A 229 -12.36 -4.02 -24.30
N PRO A 230 -11.10 -4.12 -24.78
CA PRO A 230 -10.69 -3.46 -25.99
C PRO A 230 -11.56 -3.93 -27.16
N VAL A 231 -11.90 -2.97 -28.03
CA VAL A 231 -12.79 -3.18 -29.16
C VAL A 231 -12.27 -4.29 -30.05
N ALA A 232 -10.95 -4.39 -30.17
CA ALA A 232 -10.34 -5.37 -31.06
C ALA A 232 -10.09 -6.71 -30.38
N MET A 233 -10.35 -6.84 -29.09
CA MET A 233 -10.04 -8.10 -28.41
C MET A 233 -11.15 -9.10 -28.81
N GLY A 234 -10.77 -10.35 -29.02
CA GLY A 234 -11.71 -11.43 -29.39
C GLY A 234 -12.49 -11.91 -28.17
N GLU A 235 -13.66 -12.49 -28.39
CA GLU A 235 -14.54 -12.84 -27.29
C GLU A 235 -13.90 -13.86 -26.35
N GLU A 236 -13.15 -14.81 -26.91
CA GLU A 236 -12.53 -15.83 -26.10
C GLU A 236 -11.64 -15.15 -25.04
N GLU A 237 -10.81 -14.21 -25.49
CA GLU A 237 -9.89 -13.56 -24.57
C GLU A 237 -10.65 -12.67 -23.53
N LYS A 238 -11.74 -12.03 -23.95
CA LYS A 238 -12.59 -11.30 -23.01
C LYS A 238 -13.14 -12.16 -21.88
N ASP A 239 -13.63 -13.36 -22.25
CA ASP A 239 -14.11 -14.32 -21.27
C ASP A 239 -13.04 -14.71 -20.31
N LYS A 240 -11.82 -14.93 -20.78
CA LYS A 240 -10.69 -15.14 -19.85
C LYS A 240 -10.60 -13.99 -18.83
N TRP A 241 -10.67 -12.74 -19.29
CA TRP A 241 -10.70 -11.59 -18.35
C TRP A 241 -11.91 -11.59 -17.43
N ARG A 242 -13.09 -11.82 -17.99
CA ARG A 242 -14.31 -11.98 -17.20
C ARG A 242 -14.24 -13.00 -16.06
N ARG A 243 -13.67 -14.16 -16.34
CA ARG A 243 -13.62 -15.23 -15.34
C ARG A 243 -12.68 -14.96 -14.16
N LYS A 244 -11.86 -13.93 -14.23
CA LYS A 244 -10.98 -13.61 -13.13
C LYS A 244 -11.70 -12.79 -12.05
N VAL A 245 -12.86 -12.20 -12.38
CA VAL A 245 -13.52 -11.24 -11.50
C VAL A 245 -14.41 -11.97 -10.46
N PRO A 246 -14.09 -11.89 -9.15
CA PRO A 246 -14.95 -12.58 -8.14
C PRO A 246 -16.38 -12.15 -8.16
N LEU A 247 -16.61 -10.84 -8.22
CA LEU A 247 -17.98 -10.27 -8.14
C LEU A 247 -18.67 -10.40 -9.51
N GLY A 248 -19.24 -11.58 -9.76
CA GLY A 248 -20.04 -11.79 -10.93
C GLY A 248 -19.30 -12.29 -12.16
N ARG A 249 -18.00 -12.51 -12.10
CA ARG A 249 -17.29 -13.00 -13.30
C ARG A 249 -17.64 -12.21 -14.54
N ARG A 250 -17.72 -10.89 -14.40
CA ARG A 250 -17.92 -10.03 -15.53
C ARG A 250 -17.13 -8.71 -15.32
N GLU A 251 -16.98 -7.97 -16.40
CA GLU A 251 -16.31 -6.68 -16.42
C GLU A 251 -17.26 -5.61 -15.92
N ALA A 252 -16.73 -4.50 -15.43
CA ALA A 252 -17.59 -3.37 -15.03
C ALA A 252 -18.15 -2.68 -16.31
N SER A 253 -19.43 -2.32 -16.23
CA SER A 253 -20.05 -1.45 -17.22
C SER A 253 -19.44 -0.08 -17.10
N ALA A 254 -19.47 0.65 -18.20
CA ALA A 254 -18.95 1.98 -18.20
C ALA A 254 -19.73 2.84 -17.21
N GLU A 255 -21.01 2.52 -17.05
CA GLU A 255 -21.82 3.23 -16.11
C GLU A 255 -21.38 3.02 -14.66
N GLN A 256 -21.01 1.80 -14.33
CA GLN A 256 -20.55 1.50 -12.96
C GLN A 256 -19.32 2.34 -12.64
N ILE A 257 -18.42 2.50 -13.62
CA ILE A 257 -17.27 3.38 -13.46
C ILE A 257 -17.76 4.82 -13.25
N ALA A 258 -18.70 5.27 -14.09
CA ALA A 258 -19.19 6.67 -14.00
C ALA A 258 -19.86 6.96 -12.67
N ASP A 259 -20.55 5.95 -12.16
CA ASP A 259 -21.20 6.08 -10.85
C ASP A 259 -20.25 6.55 -9.73
N ALA A 260 -19.04 6.00 -9.69
CA ALA A 260 -18.06 6.38 -8.69
C ALA A 260 -17.45 7.74 -8.97
N VAL A 261 -17.32 8.08 -10.26
CA VAL A 261 -16.92 9.43 -10.60
C VAL A 261 -17.94 10.46 -10.07
N ILE A 262 -19.21 10.21 -10.31
CA ILE A 262 -20.21 11.17 -9.92
C ILE A 262 -20.37 11.21 -8.41
N PHE A 263 -20.17 10.07 -7.73
CA PHE A 263 -20.04 10.15 -6.28
C PHE A 263 -18.92 11.11 -5.90
N LEU A 264 -17.70 10.94 -6.43
CA LEU A 264 -16.62 11.75 -5.94
C LEU A 264 -16.84 13.20 -6.25
N VAL A 265 -17.52 13.55 -7.37
CA VAL A 265 -17.69 14.98 -7.61
C VAL A 265 -18.81 15.59 -6.79
N SER A 266 -19.71 14.74 -6.28
CA SER A 266 -20.91 15.16 -5.55
C SER A 266 -20.62 15.72 -4.15
N GLY A 267 -21.65 16.31 -3.57
CA GLY A 267 -21.60 16.83 -2.20
C GLY A 267 -21.52 15.73 -1.17
N SER A 268 -21.84 14.50 -1.59
CA SER A 268 -21.69 13.36 -0.72
C SER A 268 -20.21 12.97 -0.53
N ALA A 269 -19.29 13.66 -1.23
CA ALA A 269 -17.88 13.39 -1.11
C ALA A 269 -17.09 14.64 -0.74
N GLN A 270 -17.74 15.63 -0.13
CA GLN A 270 -17.09 16.91 0.23
C GLN A 270 -15.89 16.82 1.10
N TYR A 271 -15.76 15.82 1.94
CA TYR A 271 -14.54 15.70 2.72
C TYR A 271 -13.47 14.75 2.11
N ILE A 272 -13.77 14.12 0.98
CA ILE A 272 -12.92 13.12 0.37
C ILE A 272 -11.95 13.81 -0.57
N THR A 273 -10.67 13.64 -0.30
CA THR A 273 -9.59 14.08 -1.20
C THR A 273 -8.37 13.22 -1.00
N GLY A 274 -7.74 12.91 -2.12
CA GLY A 274 -6.65 12.04 -2.22
C GLY A 274 -6.98 10.56 -2.11
N SER A 275 -8.26 10.18 -2.28
CA SER A 275 -8.73 8.80 -2.19
C SER A 275 -8.91 8.22 -3.57
N ILE A 276 -8.51 6.98 -3.75
CA ILE A 276 -8.68 6.31 -5.03
C ILE A 276 -9.59 5.16 -4.77
N ILE A 277 -10.78 5.22 -5.34
CA ILE A 277 -11.76 4.18 -5.18
C ILE A 277 -11.62 3.14 -6.28
N LYS A 278 -11.36 1.90 -5.87
CA LYS A 278 -11.35 0.78 -6.79
C LYS A 278 -12.77 0.45 -7.16
N VAL A 279 -12.97 0.18 -8.45
CA VAL A 279 -14.23 -0.35 -9.02
C VAL A 279 -13.90 -1.56 -9.84
N ASP A 280 -13.54 -2.64 -9.16
CA ASP A 280 -12.94 -3.80 -9.75
C ASP A 280 -13.57 -5.12 -9.40
N GLY A 281 -14.70 -5.13 -8.71
CA GLY A 281 -15.31 -6.49 -8.47
C GLY A 281 -14.47 -7.51 -7.74
N GLY A 282 -13.44 -7.07 -6.99
CA GLY A 282 -12.53 -7.97 -6.26
C GLY A 282 -11.25 -8.33 -7.00
N LEU A 283 -11.11 -7.93 -8.26
CA LEU A 283 -10.05 -8.44 -9.10
C LEU A 283 -8.62 -8.25 -8.54
N SER A 284 -8.34 -7.08 -8.00
CA SER A 284 -7.04 -6.80 -7.44
C SER A 284 -6.70 -7.64 -6.20
N LEU A 285 -7.67 -8.36 -5.68
CA LEU A 285 -7.48 -9.15 -4.50
C LEU A 285 -7.16 -10.61 -4.81
N VAL A 286 -7.25 -10.99 -6.08
CA VAL A 286 -7.18 -12.38 -6.46
C VAL A 286 -5.70 -12.73 -6.68
N HIS A 287 -5.18 -13.72 -5.98
CA HIS A 287 -3.80 -14.12 -6.26
C HIS A 287 -3.65 -14.83 -7.58
N ALA A 288 -2.41 -14.84 -8.04
CA ALA A 288 -1.98 -15.64 -9.17
C ALA A 288 -2.42 -17.10 -9.04
N GLU B 22 -40.93 -4.58 0.03
CA GLU B 22 -40.39 -4.74 1.41
C GLU B 22 -39.19 -3.79 1.59
N ALA B 23 -39.08 -3.17 2.77
CA ALA B 23 -37.93 -2.32 3.06
C ALA B 23 -36.71 -3.20 3.47
N PRO B 24 -35.52 -2.89 2.94
CA PRO B 24 -34.36 -3.63 3.35
C PRO B 24 -34.02 -3.29 4.78
N ALA B 25 -33.19 -4.13 5.39
CA ALA B 25 -32.80 -3.91 6.78
C ALA B 25 -31.26 -3.95 7.01
N ALA B 26 -30.80 -3.14 7.97
CA ALA B 26 -29.38 -3.00 8.28
C ALA B 26 -29.09 -3.09 9.77
N VAL B 27 -28.02 -3.82 10.08
CA VAL B 27 -27.41 -3.78 11.39
C VAL B 27 -26.27 -2.74 11.48
N VAL B 28 -26.31 -1.86 12.48
CA VAL B 28 -25.19 -0.93 12.72
C VAL B 28 -24.71 -1.17 14.11
N THR B 29 -23.47 -1.65 14.28
CA THR B 29 -22.91 -1.78 15.64
C THR B 29 -22.45 -0.44 16.25
N GLY B 30 -22.54 -0.26 17.59
CA GLY B 30 -22.21 1.02 18.21
C GLY B 30 -22.95 2.17 17.57
N ALA B 31 -24.27 2.00 17.37
CA ALA B 31 -25.10 3.01 16.69
C ALA B 31 -25.77 4.07 17.58
N ALA B 32 -25.51 4.01 18.86
CA ALA B 32 -26.20 4.90 19.79
C ALA B 32 -25.75 6.32 19.68
N LYS B 33 -24.49 6.50 19.28
CA LYS B 33 -23.84 7.78 19.30
C LYS B 33 -22.88 8.05 18.14
N ARG B 34 -22.66 9.34 17.88
CA ARG B 34 -21.53 9.77 17.09
C ARG B 34 -21.62 9.28 15.64
N ILE B 35 -20.58 8.59 15.15
CA ILE B 35 -20.61 8.14 13.79
C ILE B 35 -21.61 7.02 13.50
N GLY B 36 -21.69 6.03 14.38
CA GLY B 36 -22.65 4.95 14.26
C GLY B 36 -24.08 5.47 14.16
N ARG B 37 -24.43 6.39 15.06
CA ARG B 37 -25.76 7.04 15.06
C ARG B 37 -26.05 7.68 13.70
N ALA B 38 -25.05 8.38 13.14
CA ALA B 38 -25.22 9.12 11.92
C ALA B 38 -25.41 8.18 10.76
N ILE B 39 -24.74 7.03 10.83
CA ILE B 39 -24.90 5.93 9.88
C ILE B 39 -26.31 5.30 9.96
N ALA B 40 -26.78 5.01 11.14
CA ALA B 40 -28.15 4.49 11.32
C ALA B 40 -29.19 5.48 10.80
N VAL B 41 -29.03 6.76 11.12
CA VAL B 41 -30.00 7.78 10.73
C VAL B 41 -30.06 7.85 9.27
N LYS B 42 -28.89 7.93 8.64
CA LYS B 42 -28.87 8.06 7.22
C LYS B 42 -29.40 6.85 6.51
N LEU B 43 -29.09 5.67 7.02
CA LEU B 43 -29.63 4.47 6.42
C LEU B 43 -31.19 4.50 6.51
N HIS B 44 -31.67 4.93 7.66
CA HIS B 44 -33.13 5.01 7.91
C HIS B 44 -33.74 6.03 6.92
N GLN B 45 -33.09 7.16 6.77
CA GLN B 45 -33.55 8.18 5.83
C GLN B 45 -33.56 7.69 4.40
N THR B 46 -32.67 6.75 4.08
CA THR B 46 -32.64 6.16 2.76
C THR B 46 -33.76 5.14 2.58
N GLY B 47 -34.37 4.73 3.68
CA GLY B 47 -35.50 3.81 3.66
C GLY B 47 -35.20 2.47 4.29
N TYR B 48 -34.02 2.34 4.93
CA TYR B 48 -33.71 1.08 5.63
C TYR B 48 -34.43 0.98 6.90
N ARG B 49 -34.83 -0.25 7.26
CA ARG B 49 -35.14 -0.54 8.66
C ARG B 49 -33.86 -0.88 9.39
N VAL B 50 -33.72 -0.44 10.63
CA VAL B 50 -32.39 -0.53 11.29
C VAL B 50 -32.40 -1.22 12.66
N VAL B 51 -31.40 -2.08 12.88
CA VAL B 51 -31.06 -2.55 14.21
C VAL B 51 -29.97 -1.64 14.76
N ILE B 52 -30.24 -0.96 15.88
CA ILE B 52 -29.31 -0.04 16.53
C ILE B 52 -28.60 -0.81 17.64
N HIS B 53 -27.40 -1.34 17.40
CA HIS B 53 -26.72 -2.12 18.47
C HIS B 53 -25.91 -1.18 19.32
N TYR B 54 -25.76 -1.52 20.58
CA TYR B 54 -25.07 -0.63 21.53
C TYR B 54 -24.49 -1.47 22.64
N HIS B 55 -23.56 -0.92 23.41
CA HIS B 55 -22.99 -1.68 24.51
C HIS B 55 -23.50 -1.08 25.85
N ASN B 56 -22.96 0.05 26.27
CA ASN B 56 -23.35 0.76 27.47
C ASN B 56 -24.38 1.86 27.26
N SER B 57 -24.52 2.35 26.03
CA SER B 57 -25.26 3.60 25.80
C SER B 57 -26.78 3.34 25.53
N ALA B 58 -27.45 2.69 26.50
CA ALA B 58 -28.87 2.32 26.32
C ALA B 58 -29.80 3.51 26.10
N GLU B 59 -29.55 4.58 26.84
CA GLU B 59 -30.45 5.71 26.78
C GLU B 59 -30.39 6.40 25.40
N ALA B 60 -29.17 6.54 24.86
CA ALA B 60 -29.03 7.13 23.60
C ALA B 60 -29.62 6.23 22.57
N ALA B 61 -29.40 4.90 22.66
CA ALA B 61 -29.94 3.93 21.70
C ALA B 61 -31.48 4.00 21.53
N VAL B 62 -32.20 4.03 22.66
CA VAL B 62 -33.67 4.07 22.59
C VAL B 62 -34.17 5.45 22.10
N SER B 63 -33.47 6.52 22.46
CA SER B 63 -33.87 7.82 22.01
C SER B 63 -33.76 7.84 20.52
N LEU B 64 -32.74 7.18 20.01
CA LEU B 64 -32.59 7.12 18.57
C LEU B 64 -33.70 6.25 18.00
N ALA B 65 -33.97 5.13 18.61
CA ALA B 65 -35.01 4.24 18.07
C ALA B 65 -36.40 4.96 18.02
N ASP B 66 -36.72 5.64 19.13
CA ASP B 66 -37.99 6.35 19.27
C ASP B 66 -38.07 7.45 18.23
N GLU B 67 -37.03 8.26 18.16
CA GLU B 67 -36.96 9.26 17.13
C GLU B 67 -37.25 8.65 15.73
N LEU B 68 -36.66 7.48 15.45
CA LEU B 68 -36.75 6.88 14.12
C LEU B 68 -38.14 6.25 13.85
N ASN B 69 -38.68 5.57 14.84
CA ASN B 69 -40.05 5.05 14.77
C ASN B 69 -41.19 6.07 14.65
N LYS B 70 -40.93 7.28 15.11
CA LYS B 70 -41.82 8.38 14.96
C LYS B 70 -41.87 8.73 13.50
N GLU B 71 -40.72 8.64 12.82
CA GLU B 71 -40.73 8.98 11.39
C GLU B 71 -41.54 7.93 10.61
N ARG B 72 -41.26 6.65 10.86
CA ARG B 72 -41.95 5.52 10.25
C ARG B 72 -42.06 4.46 11.31
N SER B 73 -43.27 3.98 11.57
CA SER B 73 -43.48 3.09 12.69
C SER B 73 -42.88 1.78 12.39
N ASN B 74 -42.35 1.18 13.45
CA ASN B 74 -41.81 -0.16 13.40
C ASN B 74 -40.64 -0.28 12.43
N THR B 75 -39.77 0.73 12.40
CA THR B 75 -38.64 0.66 11.50
C THR B 75 -37.31 0.56 12.21
N ALA B 76 -37.32 0.61 13.54
CA ALA B 76 -36.07 0.67 14.31
C ALA B 76 -36.17 -0.17 15.57
N VAL B 77 -35.19 -1.02 15.79
CA VAL B 77 -35.05 -1.76 17.06
C VAL B 77 -33.63 -1.59 17.63
N VAL B 78 -33.46 -1.85 18.93
CA VAL B 78 -32.14 -1.84 19.54
C VAL B 78 -31.78 -3.22 19.99
N CYS B 79 -30.50 -3.39 20.28
CA CYS B 79 -29.89 -4.68 20.53
C CYS B 79 -28.61 -4.50 21.30
N GLN B 80 -28.52 -5.07 22.50
CA GLN B 80 -27.40 -4.78 23.37
C GLN B 80 -26.43 -5.94 23.32
N ALA B 81 -25.13 -5.64 23.30
CA ALA B 81 -24.11 -6.67 23.34
C ALA B 81 -22.75 -6.05 23.57
N ASP B 82 -21.94 -6.71 24.40
CA ASP B 82 -20.52 -6.50 24.48
C ASP B 82 -19.85 -7.24 23.35
N LEU B 83 -18.93 -6.55 22.65
CA LEU B 83 -18.26 -7.14 21.50
C LEU B 83 -16.80 -7.45 21.82
N THR B 84 -16.45 -7.38 23.12
CA THR B 84 -15.11 -7.83 23.59
C THR B 84 -14.95 -9.28 23.25
N ASN B 85 -13.72 -9.71 22.98
CA ASN B 85 -13.46 -11.10 22.60
C ASN B 85 -13.70 -12.01 23.83
N SER B 86 -14.37 -13.14 23.63
CA SER B 86 -14.54 -14.16 24.68
C SER B 86 -15.08 -15.44 24.03
N ASN B 87 -15.26 -16.51 24.80
CA ASN B 87 -15.88 -17.70 24.22
CA ASN B 87 -15.91 -17.72 24.29
C ASN B 87 -17.37 -17.52 23.96
N VAL B 88 -17.99 -16.48 24.49
CA VAL B 88 -19.40 -16.22 24.13
C VAL B 88 -19.57 -15.23 22.97
N LEU B 89 -18.47 -14.73 22.41
CA LEU B 89 -18.59 -13.69 21.39
C LEU B 89 -19.29 -14.19 20.13
N PRO B 90 -18.98 -15.41 19.64
CA PRO B 90 -19.67 -15.91 18.44
C PRO B 90 -21.20 -15.96 18.64
N ALA B 91 -21.63 -16.38 19.83
CA ALA B 91 -23.03 -16.47 20.11
C ALA B 91 -23.59 -15.07 20.16
N SER B 92 -22.90 -14.16 20.82
CA SER B 92 -23.36 -12.78 20.83
C SER B 92 -23.55 -12.25 19.39
N CYS B 93 -22.55 -12.45 18.57
CA CYS B 93 -22.64 -11.97 17.19
C CYS B 93 -23.77 -12.62 16.37
N GLU B 94 -23.94 -13.90 16.51
CA GLU B 94 -25.09 -14.57 15.86
C GLU B 94 -26.42 -14.01 16.32
N GLU B 95 -26.52 -13.72 17.61
CA GLU B 95 -27.75 -13.16 18.20
C GLU B 95 -28.07 -11.76 17.65
N ILE B 96 -27.03 -10.97 17.37
CA ILE B 96 -27.20 -9.66 16.81
C ILE B 96 -27.80 -9.79 15.45
N ILE B 97 -27.26 -10.71 14.67
CA ILE B 97 -27.75 -10.91 13.32
C ILE B 97 -29.22 -11.43 13.33
N ASN B 98 -29.44 -12.48 14.10
CA ASN B 98 -30.77 -13.00 14.46
C ASN B 98 -31.79 -11.94 14.84
N SER B 99 -31.38 -10.97 15.64
CA SER B 99 -32.28 -9.96 16.07
C SER B 99 -32.79 -9.15 14.88
N CYS B 100 -31.99 -8.98 13.83
CA CYS B 100 -32.45 -8.21 12.65
C CYS B 100 -33.49 -9.01 11.89
N PHE B 101 -33.25 -10.31 11.78
CA PHE B 101 -34.20 -11.24 11.13
C PHE B 101 -35.51 -11.34 11.90
N ARG B 102 -35.45 -11.64 13.19
CA ARG B 102 -36.65 -11.72 13.99
CA ARG B 102 -36.65 -11.68 14.03
C ARG B 102 -37.43 -10.39 13.83
N ALA B 103 -36.75 -9.25 13.89
CA ALA B 103 -37.45 -7.99 13.75
C ALA B 103 -37.95 -7.68 12.34
N PHE B 104 -37.18 -7.96 11.29
CA PHE B 104 -37.50 -7.44 9.96
C PHE B 104 -37.64 -8.47 8.85
N GLY B 105 -37.29 -9.71 9.12
CA GLY B 105 -37.45 -10.80 8.16
C GLY B 105 -36.37 -10.90 7.13
N ARG B 106 -35.34 -10.07 7.28
CA ARG B 106 -34.20 -10.08 6.37
C ARG B 106 -33.06 -9.27 7.00
N CYS B 107 -31.84 -9.45 6.48
CA CYS B 107 -30.66 -8.63 6.86
C CYS B 107 -29.87 -8.31 5.60
N ASP B 108 -29.98 -7.08 5.11
CA ASP B 108 -29.39 -6.70 3.83
C ASP B 108 -27.99 -6.08 4.05
N VAL B 109 -27.84 -5.33 5.13
CA VAL B 109 -26.58 -4.57 5.35
C VAL B 109 -26.05 -4.76 6.74
N LEU B 110 -24.73 -4.91 6.86
CA LEU B 110 -24.02 -4.94 8.13
C LEU B 110 -22.96 -3.84 8.14
N VAL B 111 -23.02 -2.97 9.13
CA VAL B 111 -22.00 -1.95 9.35
C VAL B 111 -21.29 -2.23 10.64
N ASN B 112 -20.02 -2.58 10.52
CA ASN B 112 -19.17 -2.76 11.67
C ASN B 112 -18.46 -1.45 12.11
N ASN B 113 -19.08 -0.80 13.09
CA ASN B 113 -18.69 0.53 13.52
C ASN B 113 -18.17 0.56 14.95
N ALA B 114 -18.74 -0.27 15.85
CA ALA B 114 -18.29 -0.30 17.28
C ALA B 114 -16.79 -0.54 17.38
N SER B 115 -16.12 0.18 18.29
CA SER B 115 -14.66 0.16 18.42
C SER B 115 -14.20 0.67 19.77
N ALA B 116 -13.40 -0.14 20.50
CA ALA B 116 -12.68 0.30 21.70
C ALA B 116 -11.41 1.00 21.17
N PHE B 117 -10.96 2.01 21.91
CA PHE B 117 -9.91 2.88 21.48
C PHE B 117 -9.31 3.51 22.68
N TYR B 118 -8.09 3.14 22.96
CA TYR B 118 -7.34 3.71 24.04
C TYR B 118 -5.92 3.18 23.89
N PRO B 119 -4.93 3.84 24.53
CA PRO B 119 -3.51 3.47 24.39
C PRO B 119 -3.16 2.19 25.12
N THR B 120 -2.23 1.43 24.56
CA THR B 120 -1.72 0.25 25.21
C THR B 120 -0.22 0.24 25.05
N PRO B 121 0.48 1.00 25.89
CA PRO B 121 1.92 1.14 25.66
C PRO B 121 2.68 -0.15 25.76
N LEU B 122 3.72 -0.29 24.97
CA LEU B 122 4.52 -1.50 24.97
C LEU B 122 5.40 -1.57 26.23
N VAL B 123 5.83 -0.43 26.73
CA VAL B 123 6.70 -0.40 27.91
C VAL B 123 6.23 0.55 29.01
N GLN B 124 6.63 0.23 30.23
CA GLN B 124 6.33 1.04 31.43
C GLN B 124 7.22 2.29 31.56
N GLY B 133 -6.15 0.84 34.38
CA GLY B 133 -6.18 -0.32 35.29
C GLY B 133 -6.43 -1.70 34.70
N LYS B 134 -6.75 -1.81 33.40
CA LYS B 134 -7.11 -3.13 32.80
C LYS B 134 -5.90 -4.03 32.62
N THR B 135 -6.10 -5.34 32.73
CA THR B 135 -5.01 -6.27 32.45
C THR B 135 -4.76 -6.28 30.92
N VAL B 136 -3.55 -6.64 30.52
CA VAL B 136 -3.25 -6.67 29.09
C VAL B 136 -4.13 -7.67 28.30
N GLU B 137 -4.42 -8.84 28.89
CA GLU B 137 -5.28 -9.77 28.20
C GLU B 137 -6.68 -9.18 27.98
N THR B 138 -7.12 -8.28 28.86
CA THR B 138 -8.43 -7.66 28.68
C THR B 138 -8.38 -6.59 27.57
N GLN B 139 -7.23 -5.93 27.49
CA GLN B 139 -6.99 -4.90 26.48
C GLN B 139 -6.97 -5.54 25.10
N VAL B 140 -6.30 -6.68 25.00
CA VAL B 140 -6.38 -7.51 23.82
C VAL B 140 -7.83 -7.87 23.44
N ALA B 141 -8.54 -8.44 24.41
CA ALA B 141 -9.87 -8.90 24.13
C ALA B 141 -10.74 -7.74 23.67
N GLU B 142 -10.68 -6.59 24.31
CA GLU B 142 -11.55 -5.49 23.92
C GLU B 142 -11.15 -4.84 22.58
N LEU B 143 -9.85 -4.55 22.48
CA LEU B 143 -9.36 -3.81 21.31
C LEU B 143 -9.36 -4.67 20.05
N ILE B 144 -8.85 -5.93 20.17
CA ILE B 144 -8.91 -6.89 19.08
C ILE B 144 -10.34 -7.44 18.86
N GLY B 145 -11.09 -7.63 19.93
CA GLY B 145 -12.48 -8.12 19.81
C GLY B 145 -13.36 -7.14 19.06
N THR B 146 -13.38 -5.89 19.50
CA THR B 146 -14.27 -4.89 18.90
C THR B 146 -13.92 -4.57 17.46
N ASN B 147 -12.62 -4.39 17.22
CA ASN B 147 -12.18 -3.86 15.94
C ASN B 147 -12.05 -4.92 14.88
N ALA B 148 -11.97 -6.18 15.26
CA ALA B 148 -11.63 -7.23 14.32
C ALA B 148 -12.43 -8.54 14.45
N ILE B 149 -12.41 -9.12 15.62
CA ILE B 149 -13.00 -10.44 15.75
C ILE B 149 -14.51 -10.37 15.67
N ALA B 150 -15.08 -9.44 16.40
CA ALA B 150 -16.52 -9.29 16.35
C ALA B 150 -16.95 -9.00 14.88
N PRO B 151 -16.28 -8.04 14.21
CA PRO B 151 -16.58 -7.96 12.75
C PRO B 151 -16.49 -9.24 11.94
N PHE B 152 -15.54 -10.09 12.24
CA PHE B 152 -15.45 -11.38 11.55
C PHE B 152 -16.66 -12.29 11.88
N LEU B 153 -17.00 -12.39 13.14
CA LEU B 153 -18.06 -13.29 13.56
C LEU B 153 -19.37 -12.76 13.02
N LEU B 154 -19.57 -11.45 13.10
CA LEU B 154 -20.77 -10.81 12.52
C LEU B 154 -20.87 -11.12 11.04
N THR B 155 -19.74 -11.03 10.33
CA THR B 155 -19.67 -11.33 8.93
C THR B 155 -20.02 -12.83 8.64
N MET B 156 -19.51 -13.76 9.41
CA MET B 156 -19.86 -15.18 9.20
C MET B 156 -21.36 -15.38 9.37
N SER B 157 -21.90 -14.81 10.44
CA SER B 157 -23.30 -15.01 10.79
C SER B 157 -24.15 -14.34 9.74
N PHE B 158 -23.76 -13.15 9.29
CA PHE B 158 -24.52 -12.43 8.26
C PHE B 158 -24.59 -13.33 7.04
N ALA B 159 -23.45 -13.85 6.66
CA ALA B 159 -23.33 -14.68 5.46
C ALA B 159 -24.04 -16.04 5.58
N GLN B 160 -23.88 -16.70 6.73
CA GLN B 160 -24.57 -17.96 6.97
C GLN B 160 -26.09 -17.82 6.79
N ARG B 161 -26.67 -16.71 7.23
CA ARG B 161 -28.10 -16.47 7.08
C ARG B 161 -28.60 -16.23 5.67
N GLN B 162 -27.76 -15.75 4.76
CA GLN B 162 -28.25 -15.49 3.41
C GLN B 162 -28.16 -16.79 2.61
N SER B 172 -31.08 -8.61 -5.24
CA SER B 172 -30.60 -8.29 -3.91
C SER B 172 -29.41 -7.34 -3.93
N ASN B 173 -29.26 -6.59 -2.85
CA ASN B 173 -28.11 -5.74 -2.69
C ASN B 173 -27.56 -5.86 -1.29
N LEU B 174 -26.89 -6.97 -1.07
CA LEU B 174 -26.35 -7.33 0.22
C LEU B 174 -24.93 -6.80 0.34
N SER B 175 -24.64 -6.15 1.44
CA SER B 175 -23.26 -5.70 1.67
C SER B 175 -22.90 -5.38 3.10
N ILE B 176 -21.59 -5.43 3.32
CA ILE B 176 -20.98 -5.15 4.59
C ILE B 176 -20.12 -3.91 4.41
N VAL B 177 -20.16 -2.99 5.38
CA VAL B 177 -19.23 -1.87 5.39
C VAL B 177 -18.43 -1.90 6.73
N ASN B 178 -17.11 -1.89 6.69
CA ASN B 178 -16.30 -1.87 7.92
C ASN B 178 -15.72 -0.51 8.13
N LEU B 179 -15.88 0.06 9.33
CA LEU B 179 -15.27 1.35 9.63
C LEU B 179 -13.82 1.11 10.02
N CYS B 180 -12.94 1.52 9.11
CA CYS B 180 -11.51 1.34 9.22
C CYS B 180 -10.83 2.62 9.74
N ASP B 181 -9.58 2.92 9.34
CA ASP B 181 -8.86 4.08 9.89
C ASP B 181 -7.83 4.48 8.81
N ALA B 182 -7.96 5.69 8.27
CA ALA B 182 -7.07 6.19 7.24
C ALA B 182 -5.61 6.31 7.70
N MET B 183 -5.42 6.40 9.00
CA MET B 183 -4.08 6.51 9.57
C MET B 183 -3.46 5.22 10.00
N VAL B 184 -3.93 4.11 9.46
CA VAL B 184 -3.51 2.81 9.87
C VAL B 184 -2.01 2.52 9.57
N ASP B 185 -1.45 3.14 8.54
CA ASP B 185 -0.02 3.00 8.29
C ASP B 185 0.81 4.16 8.83
N GLN B 186 0.17 5.12 9.51
CA GLN B 186 0.83 6.18 10.27
C GLN B 186 0.24 6.21 11.69
N PRO B 187 0.57 5.18 12.47
CA PRO B 187 -0.20 4.97 13.69
C PRO B 187 0.09 5.96 14.83
N CYS B 188 -0.88 6.16 15.72
CA CYS B 188 -0.65 6.96 16.91
C CYS B 188 0.34 6.25 17.80
N MET B 189 1.17 7.01 18.48
CA MET B 189 2.09 6.46 19.46
C MET B 189 1.39 5.66 20.55
N ALA B 190 1.82 4.44 20.80
CA ALA B 190 1.35 3.60 21.94
C ALA B 190 -0.08 3.06 21.77
N PHE B 191 -0.56 3.01 20.52
CA PHE B 191 -1.82 2.38 20.15
C PHE B 191 -1.64 1.08 19.39
N SER B 192 -0.64 0.28 19.75
CA SER B 192 -0.36 -0.90 18.96
C SER B 192 -1.55 -1.87 18.83
N LEU B 193 -2.27 -2.13 19.94
CA LEU B 193 -3.35 -3.08 19.85
C LEU B 193 -4.51 -2.49 19.07
N TYR B 194 -4.84 -1.23 19.30
CA TYR B 194 -5.89 -0.58 18.44
C TYR B 194 -5.47 -0.75 16.95
N ASN B 195 -4.19 -0.44 16.69
CA ASN B 195 -3.67 -0.43 15.31
C ASN B 195 -3.65 -1.83 14.70
N MET B 196 -3.29 -2.81 15.50
CA MET B 196 -3.34 -4.18 15.04
C MET B 196 -4.76 -4.59 14.68
N GLY B 197 -5.69 -4.14 15.48
CA GLY B 197 -7.09 -4.41 15.27
C GLY B 197 -7.60 -3.81 13.97
N LYS B 198 -7.34 -2.56 13.76
CA LYS B 198 -7.70 -1.94 12.48
C LYS B 198 -7.04 -2.53 11.25
N HIS B 199 -5.78 -2.95 11.37
CA HIS B 199 -5.15 -3.69 10.30
C HIS B 199 -5.83 -4.98 10.01
N ALA B 200 -6.19 -5.70 11.07
CA ALA B 200 -6.88 -6.94 10.88
C ALA B 200 -8.20 -6.69 10.16
N LEU B 201 -8.83 -5.59 10.47
CA LEU B 201 -10.09 -5.29 9.85
C LEU B 201 -9.89 -5.11 8.35
N VAL B 202 -8.77 -4.53 7.94
CA VAL B 202 -8.50 -4.34 6.51
C VAL B 202 -8.44 -5.74 5.88
N GLY B 203 -7.68 -6.61 6.51
CA GLY B 203 -7.54 -7.99 6.10
C GLY B 203 -8.86 -8.66 5.94
N LEU B 204 -9.73 -8.50 6.92
CA LEU B 204 -11.07 -9.08 6.82
C LEU B 204 -11.84 -8.50 5.66
N THR B 205 -11.77 -7.18 5.52
CA THR B 205 -12.47 -6.55 4.44
C THR B 205 -12.16 -7.24 3.12
N GLN B 206 -10.86 -7.46 2.89
CA GLN B 206 -10.36 -8.09 1.67
C GLN B 206 -10.69 -9.55 1.57
N SER B 207 -10.39 -10.29 2.63
CA SER B 207 -10.65 -11.74 2.62
C SER B 207 -12.14 -12.01 2.41
N ALA B 208 -13.00 -11.32 3.16
CA ALA B 208 -14.44 -11.51 3.05
C ALA B 208 -14.94 -11.05 1.67
N ALA B 209 -14.40 -9.96 1.15
CA ALA B 209 -14.83 -9.53 -0.23
C ALA B 209 -14.65 -10.64 -1.26
N LEU B 210 -13.51 -11.30 -1.19
CA LEU B 210 -13.15 -12.36 -2.12
C LEU B 210 -14.03 -13.60 -1.92
N GLU B 211 -14.15 -14.03 -0.66
CA GLU B 211 -14.93 -15.22 -0.32
C GLU B 211 -16.46 -15.10 -0.49
N LEU B 212 -17.02 -13.94 -0.19
CA LEU B 212 -18.46 -13.77 -0.30
C LEU B 212 -18.96 -13.25 -1.65
N ALA B 213 -18.05 -12.94 -2.56
CA ALA B 213 -18.46 -12.38 -3.85
C ALA B 213 -19.37 -13.37 -4.62
N PRO B 214 -19.06 -14.68 -4.60
CA PRO B 214 -19.97 -15.64 -5.25
C PRO B 214 -21.38 -15.64 -4.67
N TYR B 215 -21.52 -15.28 -3.41
CA TYR B 215 -22.86 -15.14 -2.84
C TYR B 215 -23.53 -13.81 -3.14
N GLY B 216 -22.87 -12.90 -3.86
CA GLY B 216 -23.46 -11.62 -4.17
C GLY B 216 -23.31 -10.56 -3.06
N ILE B 217 -22.51 -10.84 -2.03
CA ILE B 217 -22.35 -9.96 -0.90
C ILE B 217 -21.05 -9.16 -1.08
N ARG B 218 -21.17 -7.85 -1.15
CA ARG B 218 -20.00 -6.98 -1.31
C ARG B 218 -19.51 -6.63 0.07
N VAL B 219 -18.20 -6.38 0.20
CA VAL B 219 -17.58 -6.02 1.46
C VAL B 219 -16.58 -4.90 1.28
N ASN B 220 -16.83 -3.79 1.95
CA ASN B 220 -16.05 -2.57 1.77
C ASN B 220 -15.75 -1.89 3.06
N GLY B 221 -15.03 -0.78 3.02
CA GLY B 221 -14.70 -0.06 4.23
C GLY B 221 -14.76 1.43 4.02
N VAL B 222 -14.95 2.17 5.10
CA VAL B 222 -14.86 3.64 5.12
C VAL B 222 -13.84 3.93 6.15
N ALA B 223 -12.81 4.68 5.77
CA ALA B 223 -11.72 4.97 6.66
C ALA B 223 -11.63 6.45 6.98
N PRO B 224 -12.21 6.85 8.13
CA PRO B 224 -12.04 8.18 8.65
C PRO B 224 -10.63 8.49 9.04
N GLY B 225 -10.25 9.74 8.90
CA GLY B 225 -8.99 10.22 9.50
C GLY B 225 -9.24 10.85 10.87
N VAL B 226 -9.50 12.15 10.87
CA VAL B 226 -10.06 12.81 12.07
C VAL B 226 -11.51 13.11 11.76
N SER B 227 -12.38 12.52 12.58
CA SER B 227 -13.79 12.84 12.56
C SER B 227 -14.09 13.41 13.96
N LEU B 228 -15.31 13.16 14.45
CA LEU B 228 -15.76 13.70 15.73
C LEU B 228 -14.73 13.42 16.79
N LEU B 229 -14.23 14.46 17.44
CA LEU B 229 -13.19 14.27 18.40
C LEU B 229 -13.79 13.71 19.68
N PRO B 230 -12.95 13.10 20.53
CA PRO B 230 -13.50 12.63 21.77
C PRO B 230 -14.16 13.77 22.56
N VAL B 231 -15.32 13.43 23.10
CA VAL B 231 -16.27 14.34 23.78
C VAL B 231 -15.68 15.45 24.70
N ALA B 232 -14.81 15.06 25.59
CA ALA B 232 -14.30 15.94 26.61
C ALA B 232 -12.83 16.29 26.36
N MET B 233 -12.34 15.98 25.17
CA MET B 233 -11.03 16.45 24.75
C MET B 233 -11.09 17.98 24.76
N GLY B 234 -10.10 18.63 25.34
CA GLY B 234 -10.03 20.09 25.35
C GLY B 234 -10.02 20.63 23.94
N GLU B 235 -10.66 21.79 23.71
CA GLU B 235 -10.69 22.39 22.37
C GLU B 235 -9.32 22.69 21.84
N GLU B 236 -8.39 23.07 22.73
CA GLU B 236 -7.02 23.37 22.30
C GLU B 236 -6.38 22.13 21.70
N GLU B 237 -6.65 20.96 22.27
CA GLU B 237 -6.12 19.70 21.71
C GLU B 237 -6.86 19.32 20.41
N LYS B 238 -8.17 19.56 20.39
CA LYS B 238 -8.98 19.33 19.16
C LYS B 238 -8.47 20.14 17.98
N ASP B 239 -8.12 21.38 18.28
CA ASP B 239 -7.50 22.27 17.30
C ASP B 239 -6.18 21.80 16.74
N LYS B 240 -5.37 21.12 17.54
CA LYS B 240 -4.11 20.56 16.99
C LYS B 240 -4.46 19.53 15.90
N TRP B 241 -5.51 18.75 16.14
CA TRP B 241 -5.98 17.75 15.16
C TRP B 241 -6.56 18.43 13.91
N ARG B 242 -7.48 19.36 14.13
CA ARG B 242 -8.12 20.08 13.03
C ARG B 242 -7.11 20.73 12.14
N ARG B 243 -6.17 21.42 12.74
CA ARG B 243 -5.15 22.08 11.93
C ARG B 243 -4.30 21.13 11.10
N LYS B 244 -4.37 19.85 11.35
CA LYS B 244 -3.63 18.89 10.53
C LYS B 244 -4.28 18.62 9.15
N VAL B 245 -5.56 18.89 8.99
CA VAL B 245 -6.33 18.41 7.85
C VAL B 245 -6.16 19.41 6.70
N PRO B 246 -5.62 18.96 5.55
CA PRO B 246 -5.48 19.90 4.44
C PRO B 246 -6.81 20.49 4.01
N LEU B 247 -7.87 19.68 3.93
CA LEU B 247 -9.13 20.13 3.38
C LEU B 247 -10.01 20.80 4.43
N GLY B 248 -9.81 22.11 4.60
CA GLY B 248 -10.61 22.97 5.47
C GLY B 248 -10.17 23.03 6.93
N ARG B 249 -9.04 22.43 7.28
CA ARG B 249 -8.54 22.42 8.67
C ARG B 249 -9.63 22.16 9.72
N ARG B 250 -10.37 21.11 9.46
CA ARG B 250 -11.48 20.72 10.32
C ARG B 250 -11.65 19.21 10.19
N GLU B 251 -12.23 18.61 11.23
CA GLU B 251 -12.53 17.19 11.25
C GLU B 251 -13.77 16.87 10.43
N ALA B 252 -13.91 15.62 9.98
CA ALA B 252 -15.14 15.19 9.32
C ALA B 252 -16.30 15.16 10.32
N SER B 253 -17.48 15.60 9.84
CA SER B 253 -18.72 15.37 10.55
C SER B 253 -19.07 13.91 10.48
N ALA B 254 -19.89 13.47 11.41
CA ALA B 254 -20.28 12.09 11.40
C ALA B 254 -21.13 11.86 10.14
N GLU B 255 -21.84 12.89 9.71
CA GLU B 255 -22.67 12.72 8.53
C GLU B 255 -21.81 12.51 7.28
N GLN B 256 -20.64 13.10 7.23
CA GLN B 256 -19.82 12.98 6.01
C GLN B 256 -19.28 11.53 5.94
N ILE B 257 -19.02 10.96 7.14
CA ILE B 257 -18.58 9.59 7.19
C ILE B 257 -19.72 8.76 6.71
N ALA B 258 -20.92 9.05 7.25
CA ALA B 258 -22.09 8.24 6.86
C ALA B 258 -22.38 8.30 5.34
N ASP B 259 -22.11 9.46 4.75
CA ASP B 259 -22.31 9.64 3.26
C ASP B 259 -21.54 8.60 2.41
N ALA B 260 -20.32 8.29 2.84
CA ALA B 260 -19.54 7.27 2.16
C ALA B 260 -20.13 5.88 2.38
N VAL B 261 -20.68 5.60 3.57
CA VAL B 261 -21.32 4.31 3.80
C VAL B 261 -22.55 4.11 2.89
N ILE B 262 -23.43 5.11 2.87
CA ILE B 262 -24.57 5.13 1.98
C ILE B 262 -24.19 4.86 0.54
N PHE B 263 -23.17 5.55 0.04
CA PHE B 263 -22.69 5.24 -1.26
C PHE B 263 -22.40 3.78 -1.38
N LEU B 264 -21.62 3.25 -0.43
CA LEU B 264 -21.17 1.85 -0.56
C LEU B 264 -22.25 0.81 -0.54
N VAL B 265 -23.34 1.12 0.15
CA VAL B 265 -24.47 0.21 0.15
C VAL B 265 -25.39 0.41 -1.05
N SER B 266 -25.23 1.50 -1.78
CA SER B 266 -26.22 1.86 -2.81
C SER B 266 -25.98 1.04 -4.02
N GLY B 267 -26.94 1.13 -4.92
CA GLY B 267 -26.83 0.56 -6.23
C GLY B 267 -25.84 1.27 -7.11
N SER B 268 -25.33 2.41 -6.66
CA SER B 268 -24.24 3.07 -7.39
C SER B 268 -22.84 2.47 -7.11
N ALA B 269 -22.80 1.41 -6.32
CA ALA B 269 -21.55 0.77 -5.88
C ALA B 269 -21.62 -0.72 -6.07
N GLN B 270 -22.45 -1.15 -7.01
CA GLN B 270 -22.69 -2.53 -7.16
C GLN B 270 -21.58 -3.42 -7.72
N TYR B 271 -20.51 -2.82 -8.21
CA TYR B 271 -19.32 -3.55 -8.65
C TYR B 271 -18.12 -3.34 -7.73
N ILE B 272 -18.33 -2.51 -6.72
CA ILE B 272 -17.34 -2.17 -5.74
C ILE B 272 -17.32 -3.20 -4.61
N THR B 273 -16.24 -4.01 -4.51
CA THR B 273 -16.00 -4.86 -3.35
C THR B 273 -14.51 -4.93 -3.07
N GLY B 274 -14.20 -5.00 -1.78
CA GLY B 274 -12.84 -4.97 -1.34
C GLY B 274 -12.21 -3.60 -1.37
N SER B 275 -12.99 -2.56 -1.52
CA SER B 275 -12.46 -1.21 -1.57
C SER B 275 -12.65 -0.52 -0.22
N ILE B 276 -11.63 0.23 0.20
CA ILE B 276 -11.66 1.02 1.43
C ILE B 276 -11.58 2.48 1.02
N ILE B 277 -12.67 3.20 1.20
CA ILE B 277 -12.68 4.61 0.85
C ILE B 277 -12.19 5.48 2.02
N LYS B 278 -11.09 6.20 1.85
CA LYS B 278 -10.67 7.15 2.88
C LYS B 278 -11.56 8.35 2.82
N VAL B 279 -12.03 8.79 3.98
CA VAL B 279 -12.80 10.03 4.09
C VAL B 279 -12.03 10.90 5.10
N ASP B 280 -10.90 11.44 4.64
CA ASP B 280 -9.95 12.02 5.56
C ASP B 280 -9.46 13.42 5.25
N GLY B 281 -9.96 14.07 4.24
CA GLY B 281 -9.60 15.52 4.11
C GLY B 281 -8.13 15.66 3.70
N GLY B 282 -7.54 14.56 3.24
CA GLY B 282 -6.10 14.53 2.91
C GLY B 282 -5.14 14.28 4.08
N LEU B 283 -5.67 14.07 5.27
CA LEU B 283 -4.83 13.87 6.45
C LEU B 283 -3.71 12.82 6.29
N SER B 284 -4.07 11.69 5.69
CA SER B 284 -3.15 10.60 5.52
C SER B 284 -2.01 10.91 4.54
N LEU B 285 -2.06 12.05 3.85
CA LEU B 285 -1.07 12.40 2.81
C LEU B 285 0.00 13.36 3.34
N VAL B 286 -0.18 13.81 4.58
CA VAL B 286 0.65 14.84 5.22
C VAL B 286 1.87 14.20 5.95
N HIS B 287 3.08 14.55 5.55
CA HIS B 287 4.27 14.06 6.25
C HIS B 287 4.42 14.72 7.63
N ALA B 288 5.21 14.05 8.47
CA ALA B 288 5.53 14.54 9.82
C ALA B 288 6.20 15.88 9.69
N GLU C 22 36.92 -13.96 -13.59
CA GLU C 22 36.84 -12.47 -13.56
C GLU C 22 35.79 -11.96 -12.57
N ALA C 23 35.96 -10.71 -12.12
CA ALA C 23 35.03 -10.07 -11.19
C ALA C 23 33.82 -9.43 -11.92
N PRO C 24 32.64 -9.36 -11.24
CA PRO C 24 31.47 -8.82 -11.93
C PRO C 24 31.63 -7.32 -12.08
N ALA C 25 30.78 -6.68 -12.90
CA ALA C 25 30.80 -5.20 -12.99
C ALA C 25 29.45 -4.59 -12.67
N ALA C 26 29.47 -3.39 -12.11
CA ALA C 26 28.25 -2.63 -11.87
C ALA C 26 28.30 -1.24 -12.52
N VAL C 27 27.15 -0.77 -13.00
CA VAL C 27 26.98 0.64 -13.33
C VAL C 27 26.20 1.34 -12.20
N VAL C 28 26.70 2.49 -11.77
CA VAL C 28 26.01 3.30 -10.79
C VAL C 28 25.85 4.67 -11.39
N THR C 29 24.61 5.09 -11.59
CA THR C 29 24.34 6.43 -12.17
C THR C 29 24.41 7.46 -11.09
N GLY C 30 24.73 8.69 -11.47
CA GLY C 30 25.11 9.80 -10.56
C GLY C 30 25.95 9.38 -9.38
N ALA C 31 27.10 8.77 -9.67
CA ALA C 31 27.95 8.16 -8.65
C ALA C 31 29.07 9.04 -8.16
N ALA C 32 29.10 10.32 -8.55
CA ALA C 32 30.27 11.13 -8.24
C ALA C 32 30.28 11.60 -6.79
N LYS C 33 29.07 11.69 -6.22
CA LYS C 33 28.89 12.23 -4.89
C LYS C 33 27.88 11.47 -4.05
N ARG C 34 27.87 11.85 -2.79
CA ARG C 34 26.72 11.70 -1.94
C ARG C 34 26.34 10.22 -1.93
N ILE C 35 25.05 9.89 -2.14
CA ILE C 35 24.62 8.50 -2.02
C ILE C 35 25.15 7.60 -3.14
N GLY C 36 25.22 8.12 -4.34
CA GLY C 36 25.82 7.31 -5.45
C GLY C 36 27.32 6.96 -5.31
N ARG C 37 28.10 7.89 -4.78
CA ARG C 37 29.49 7.63 -4.52
C ARG C 37 29.64 6.51 -3.49
N ALA C 38 28.82 6.58 -2.45
CA ALA C 38 28.87 5.61 -1.39
C ALA C 38 28.51 4.25 -1.94
N ILE C 39 27.50 4.24 -2.83
CA ILE C 39 27.06 3.00 -3.48
C ILE C 39 28.21 2.41 -4.35
N ALA C 40 28.81 3.27 -5.15
CA ALA C 40 30.02 2.84 -5.95
C ALA C 40 31.19 2.32 -5.08
N VAL C 41 31.55 3.08 -4.04
CA VAL C 41 32.69 2.68 -3.18
C VAL C 41 32.38 1.33 -2.60
N LYS C 42 31.15 1.18 -2.08
CA LYS C 42 30.82 -0.02 -1.38
C LYS C 42 30.75 -1.22 -2.33
N LEU C 43 30.26 -1.01 -3.53
CA LEU C 43 30.26 -2.07 -4.52
C LEU C 43 31.74 -2.46 -4.80
N HIS C 44 32.57 -1.45 -4.90
CA HIS C 44 33.99 -1.71 -5.21
C HIS C 44 34.67 -2.52 -4.09
N GLN C 45 34.44 -2.12 -2.84
CA GLN C 45 35.00 -2.83 -1.69
C GLN C 45 34.50 -4.26 -1.62
N THR C 46 33.31 -4.53 -2.19
CA THR C 46 32.76 -5.89 -2.20
C THR C 46 33.43 -6.73 -3.29
N GLY C 47 34.08 -6.06 -4.23
CA GLY C 47 34.81 -6.76 -5.28
C GLY C 47 34.30 -6.46 -6.68
N TYR C 48 33.31 -5.56 -6.77
CA TYR C 48 32.82 -5.14 -8.11
C TYR C 48 33.79 -4.22 -8.78
N ARG C 49 33.89 -4.36 -10.09
CA ARG C 49 34.42 -3.27 -10.91
C ARG C 49 33.27 -2.34 -11.24
N VAL C 50 33.52 -1.07 -11.43
CA VAL C 50 32.40 -0.11 -11.51
C VAL C 50 32.55 0.96 -12.56
N VAL C 51 31.41 1.33 -13.11
CA VAL C 51 31.29 2.51 -13.95
C VAL C 51 30.60 3.53 -13.14
N ILE C 52 31.25 4.67 -13.06
CA ILE C 52 30.81 5.77 -12.26
C ILE C 52 30.18 6.76 -13.26
N HIS C 53 28.85 6.79 -13.37
CA HIS C 53 28.23 7.79 -14.29
C HIS C 53 28.13 9.12 -13.59
N TYR C 54 28.28 10.18 -14.38
CA TYR C 54 28.16 11.51 -13.86
C TYR C 54 27.53 12.40 -14.94
N HIS C 55 27.03 13.57 -14.56
CA HIS C 55 26.52 14.54 -15.53
C HIS C 55 27.45 15.76 -15.47
N ASN C 56 27.36 16.55 -14.39
CA ASN C 56 28.21 17.72 -14.15
C ASN C 56 29.50 17.50 -13.32
N SER C 57 29.58 16.38 -12.61
CA SER C 57 30.62 16.22 -11.61
C SER C 57 31.78 15.33 -12.18
N ALA C 58 32.43 15.81 -13.25
CA ALA C 58 33.58 15.11 -13.87
C ALA C 58 34.72 14.94 -12.88
N GLU C 59 35.10 16.07 -12.29
CA GLU C 59 36.23 16.13 -11.37
C GLU C 59 36.05 15.15 -10.22
N ALA C 60 34.86 15.16 -9.62
CA ALA C 60 34.57 14.21 -8.57
C ALA C 60 34.52 12.79 -9.11
N ALA C 61 33.85 12.56 -10.25
CA ALA C 61 33.80 11.17 -10.79
C ALA C 61 35.21 10.57 -10.96
N VAL C 62 36.09 11.43 -11.47
CA VAL C 62 37.47 11.05 -11.72
C VAL C 62 38.30 10.78 -10.45
N SER C 63 38.19 11.69 -9.47
CA SER C 63 38.76 11.51 -8.12
C SER C 63 38.39 10.18 -7.52
N LEU C 64 37.08 9.86 -7.62
CA LEU C 64 36.61 8.59 -7.17
C LEU C 64 37.25 7.44 -7.98
N ALA C 65 37.21 7.56 -9.31
CA ALA C 65 37.80 6.52 -10.17
C ALA C 65 39.31 6.29 -9.81
N ASP C 66 39.99 7.42 -9.64
CA ASP C 66 41.38 7.45 -9.20
C ASP C 66 41.54 6.70 -7.90
N GLU C 67 40.76 7.08 -6.89
CA GLU C 67 40.88 6.50 -5.54
C GLU C 67 40.62 4.97 -5.56
N LEU C 68 39.59 4.56 -6.29
CA LEU C 68 39.29 3.14 -6.45
C LEU C 68 40.34 2.35 -7.25
N ASN C 69 40.80 2.92 -8.35
CA ASN C 69 41.85 2.28 -9.16
C ASN C 69 43.20 2.15 -8.49
N LYS C 70 43.52 3.11 -7.61
CA LYS C 70 44.71 3.01 -6.79
C LYS C 70 44.62 1.76 -5.89
N GLU C 71 43.43 1.46 -5.37
CA GLU C 71 43.24 0.23 -4.55
C GLU C 71 43.34 -1.05 -5.38
N ARG C 72 42.70 -1.04 -6.55
CA ARG C 72 42.72 -2.17 -7.47
C ARG C 72 42.78 -1.58 -8.88
N SER C 73 43.78 -2.04 -9.64
CA SER C 73 44.11 -1.43 -10.91
C SER C 73 43.07 -1.76 -11.98
N ASN C 74 42.60 -0.71 -12.69
CA ASN C 74 41.67 -0.90 -13.81
C ASN C 74 40.32 -1.56 -13.43
N THR C 75 39.81 -1.20 -12.26
CA THR C 75 38.55 -1.73 -11.82
C THR C 75 37.46 -0.65 -11.82
N ALA C 76 37.79 0.58 -12.23
CA ALA C 76 36.85 1.70 -12.15
C ALA C 76 37.03 2.70 -13.29
N VAL C 77 35.94 2.97 -13.97
CA VAL C 77 35.88 3.89 -15.10
C VAL C 77 34.75 4.85 -14.88
N VAL C 78 34.81 5.99 -15.58
CA VAL C 78 33.73 6.97 -15.53
C VAL C 78 33.03 6.99 -16.85
N CYS C 79 31.83 7.58 -16.83
CA CYS C 79 30.99 7.67 -18.01
C CYS C 79 30.08 8.88 -17.86
N GLN C 80 30.04 9.75 -18.87
CA GLN C 80 29.24 10.93 -18.79
C GLN C 80 27.96 10.76 -19.53
N ALA C 81 26.88 11.27 -18.93
CA ALA C 81 25.67 11.50 -19.73
C ALA C 81 24.60 12.36 -19.05
N ASP C 82 23.91 13.16 -19.88
CA ASP C 82 22.70 13.82 -19.43
C ASP C 82 21.56 12.77 -19.47
N LEU C 83 20.85 12.63 -18.34
CA LEU C 83 19.71 11.69 -18.20
C LEU C 83 18.31 12.37 -18.22
N THR C 84 18.27 13.65 -18.59
CA THR C 84 17.06 14.38 -18.99
C THR C 84 16.38 13.68 -20.14
N ASN C 85 15.05 13.59 -20.12
CA ASN C 85 14.30 13.00 -21.21
C ASN C 85 14.53 13.81 -22.53
N SER C 86 14.79 13.10 -23.62
CA SER C 86 14.97 13.74 -24.94
C SER C 86 15.10 12.66 -26.00
N ASN C 87 15.18 13.08 -27.26
CA ASN C 87 15.21 12.18 -28.40
C ASN C 87 16.49 11.32 -28.36
N VAL C 88 17.55 11.86 -27.75
CA VAL C 88 18.86 11.15 -27.59
C VAL C 88 19.01 10.31 -26.31
N LEU C 89 18.01 10.38 -25.42
CA LEU C 89 18.17 9.70 -24.12
C LEU C 89 18.41 8.22 -24.33
N PRO C 90 17.63 7.60 -25.25
CA PRO C 90 17.80 6.20 -25.48
C PRO C 90 19.22 5.79 -25.83
N ALA C 91 19.84 6.51 -26.78
CA ALA C 91 21.22 6.22 -27.14
C ALA C 91 22.19 6.46 -25.95
N SER C 92 21.98 7.55 -25.24
CA SER C 92 22.81 7.78 -24.05
C SER C 92 22.80 6.61 -23.08
N CYS C 93 21.61 6.03 -22.86
CA CYS C 93 21.45 4.92 -21.94
C CYS C 93 22.05 3.68 -22.50
N GLU C 94 21.83 3.46 -23.79
CA GLU C 94 22.53 2.35 -24.42
C GLU C 94 24.06 2.52 -24.22
N GLU C 95 24.53 3.75 -24.28
CA GLU C 95 25.99 3.97 -24.22
C GLU C 95 26.52 3.70 -22.83
N ILE C 96 25.67 4.01 -21.83
CA ILE C 96 26.07 3.89 -20.47
C ILE C 96 26.25 2.41 -20.25
N ILE C 97 25.29 1.63 -20.73
CA ILE C 97 25.43 0.19 -20.55
C ILE C 97 26.62 -0.33 -21.34
N ASN C 98 26.85 0.20 -22.55
CA ASN C 98 27.97 -0.25 -23.38
C ASN C 98 29.34 -0.05 -22.71
N SER C 99 29.45 1.07 -22.00
CA SER C 99 30.72 1.47 -21.42
C SER C 99 31.16 0.43 -20.39
N CYS C 100 30.18 -0.14 -19.72
CA CYS C 100 30.45 -1.22 -18.77
C CYS C 100 30.93 -2.51 -19.52
N PHE C 101 30.24 -2.88 -20.60
CA PHE C 101 30.67 -4.02 -21.43
C PHE C 101 32.06 -3.76 -22.04
N ARG C 102 32.28 -2.54 -22.56
CA ARG C 102 33.59 -2.14 -23.08
C ARG C 102 34.69 -2.19 -22.00
N ALA C 103 34.39 -1.74 -20.79
CA ALA C 103 35.43 -1.63 -19.78
C ALA C 103 35.74 -2.99 -19.18
N PHE C 104 34.73 -3.83 -18.98
CA PHE C 104 34.94 -5.04 -18.17
C PHE C 104 34.40 -6.32 -18.79
N GLY C 105 33.74 -6.22 -19.94
CA GLY C 105 33.29 -7.42 -20.68
C GLY C 105 32.00 -8.07 -20.15
N ARG C 106 31.38 -7.40 -19.19
CA ARG C 106 30.16 -7.90 -18.62
C ARG C 106 29.51 -6.73 -17.87
N CYS C 107 28.21 -6.86 -17.60
CA CYS C 107 27.47 -5.91 -16.75
C CYS C 107 26.47 -6.72 -15.89
N ASP C 108 26.76 -6.75 -14.59
CA ASP C 108 26.01 -7.60 -13.64
C ASP C 108 24.98 -6.82 -12.84
N VAL C 109 25.30 -5.58 -12.52
CA VAL C 109 24.44 -4.73 -11.67
C VAL C 109 24.26 -3.35 -12.28
N LEU C 110 23.05 -2.83 -12.18
CA LEU C 110 22.77 -1.48 -12.61
C LEU C 110 22.07 -0.82 -11.44
N VAL C 111 22.63 0.26 -10.94
CA VAL C 111 22.00 1.01 -9.85
C VAL C 111 21.51 2.32 -10.43
N ASN C 112 20.17 2.52 -10.45
CA ASN C 112 19.63 3.80 -10.88
C ASN C 112 19.52 4.80 -9.71
N ASN C 113 20.51 5.68 -9.61
CA ASN C 113 20.63 6.58 -8.49
C ASN C 113 20.41 8.03 -8.85
N ALA C 114 20.89 8.45 -10.05
CA ALA C 114 20.73 9.83 -10.50
C ALA C 114 19.33 10.34 -10.40
N SER C 115 19.20 11.61 -10.05
CA SER C 115 17.91 12.18 -9.85
C SER C 115 17.95 13.66 -9.69
N ALA C 116 17.14 14.32 -10.49
CA ALA C 116 16.85 15.70 -10.30
C ALA C 116 15.81 15.82 -9.22
N PHE C 117 15.81 16.95 -8.53
CA PHE C 117 14.94 17.16 -7.39
C PHE C 117 14.83 18.64 -7.09
N TYR C 118 13.63 19.20 -7.23
CA TYR C 118 13.35 20.58 -6.93
C TYR C 118 11.84 20.80 -7.02
N PRO C 119 11.32 21.89 -6.46
CA PRO C 119 9.84 22.05 -6.50
C PRO C 119 9.23 22.48 -7.83
N THR C 120 8.03 21.99 -8.11
CA THR C 120 7.29 22.37 -9.30
C THR C 120 5.86 22.68 -8.93
N PRO C 121 5.64 23.83 -8.32
CA PRO C 121 4.31 24.18 -7.82
C PRO C 121 3.24 24.09 -8.87
N LEU C 122 2.05 23.71 -8.48
CA LEU C 122 0.94 23.61 -9.43
C LEU C 122 0.31 24.97 -9.70
N VAL C 123 0.35 25.88 -8.74
CA VAL C 123 -0.20 27.23 -8.94
C VAL C 123 0.91 28.26 -8.73
N GLN C 124 0.91 29.29 -9.58
CA GLN C 124 1.99 30.29 -9.62
C GLN C 124 1.61 31.54 -8.83
N LYS C 134 13.17 27.59 -15.42
CA LYS C 134 12.96 26.59 -16.46
C LYS C 134 11.50 26.56 -16.88
N THR C 135 11.26 26.28 -18.16
CA THR C 135 9.94 25.95 -18.62
C THR C 135 9.42 24.68 -17.89
N VAL C 136 8.12 24.61 -17.70
CA VAL C 136 7.54 23.36 -17.21
C VAL C 136 7.96 22.11 -18.03
N GLU C 137 8.11 22.18 -19.36
CA GLU C 137 8.37 20.92 -20.07
CA GLU C 137 8.39 21.01 -20.19
C GLU C 137 9.84 20.53 -19.96
N THR C 138 10.69 21.48 -19.59
CA THR C 138 12.08 21.17 -19.23
C THR C 138 12.05 20.50 -17.85
N GLN C 139 11.16 20.96 -16.96
CA GLN C 139 11.04 20.32 -15.62
C GLN C 139 10.51 18.87 -15.72
N VAL C 140 9.58 18.69 -16.62
CA VAL C 140 9.05 17.37 -16.89
C VAL C 140 10.21 16.52 -17.40
N ALA C 141 11.05 17.09 -18.29
CA ALA C 141 12.05 16.27 -18.95
C ALA C 141 13.05 15.85 -17.90
N GLU C 142 13.45 16.79 -17.06
CA GLU C 142 14.48 16.52 -16.07
C GLU C 142 13.99 15.60 -14.97
N LEU C 143 12.84 15.96 -14.40
CA LEU C 143 12.33 15.26 -13.21
C LEU C 143 11.82 13.86 -13.52
N ILE C 144 11.02 13.76 -14.56
CA ILE C 144 10.57 12.49 -15.05
C ILE C 144 11.68 11.72 -15.75
N GLY C 145 12.55 12.39 -16.52
CA GLY C 145 13.56 11.63 -17.24
C GLY C 145 14.55 11.02 -16.28
N THR C 146 15.02 11.83 -15.34
CA THR C 146 16.01 11.31 -14.39
C THR C 146 15.48 10.24 -13.52
N ASN C 147 14.25 10.41 -13.08
CA ASN C 147 13.73 9.57 -11.98
C ASN C 147 12.96 8.34 -12.52
N ALA C 148 12.63 8.28 -13.80
CA ALA C 148 11.78 7.20 -14.36
C ALA C 148 12.14 6.69 -15.79
N ILE C 149 12.27 7.62 -16.74
CA ILE C 149 12.50 7.23 -18.15
C ILE C 149 13.93 6.69 -18.38
N ALA C 150 14.91 7.37 -17.81
CA ALA C 150 16.26 6.89 -17.98
C ALA C 150 16.37 5.53 -17.29
N PRO C 151 15.77 5.38 -16.06
CA PRO C 151 15.86 4.04 -15.50
C PRO C 151 15.22 2.98 -16.36
N PHE C 152 14.18 3.39 -17.07
CA PHE C 152 13.46 2.47 -17.91
C PHE C 152 14.33 2.07 -19.12
N LEU C 153 15.03 3.05 -19.69
CA LEU C 153 15.87 2.84 -20.89
C LEU C 153 17.14 2.09 -20.57
N LEU C 154 17.82 2.53 -19.52
CA LEU C 154 18.93 1.74 -18.99
C LEU C 154 18.53 0.30 -18.66
N THR C 155 17.33 0.15 -18.08
CA THR C 155 16.80 -1.18 -17.80
C THR C 155 16.69 -1.97 -19.11
N MET C 156 16.10 -1.34 -20.12
CA MET C 156 15.98 -2.01 -21.43
C MET C 156 17.36 -2.39 -21.96
N SER C 157 18.30 -1.48 -21.89
CA SER C 157 19.62 -1.73 -22.55
C SER C 157 20.37 -2.78 -21.75
N PHE C 158 20.19 -2.73 -20.42
CA PHE C 158 20.80 -3.70 -19.52
C PHE C 158 20.35 -5.10 -19.88
N ALA C 159 19.05 -5.27 -20.00
CA ALA C 159 18.47 -6.59 -20.21
C ALA C 159 18.83 -7.09 -21.61
N GLN C 160 18.55 -6.24 -22.60
CA GLN C 160 18.88 -6.49 -24.02
C GLN C 160 20.27 -7.11 -24.22
N ARG C 161 21.29 -6.46 -23.64
CA ARG C 161 22.70 -6.89 -23.76
C ARG C 161 23.06 -8.19 -23.02
N GLN C 162 22.10 -8.88 -22.46
CA GLN C 162 22.41 -10.20 -21.92
C GLN C 162 21.87 -11.23 -22.90
N SER C 172 25.20 -16.99 -12.56
CA SER C 172 25.22 -15.52 -12.47
C SER C 172 24.25 -14.93 -11.43
N ASN C 173 24.37 -13.61 -11.23
CA ASN C 173 23.54 -12.90 -10.27
C ASN C 173 23.32 -11.48 -10.77
N LEU C 174 22.51 -11.37 -11.79
CA LEU C 174 22.20 -10.08 -12.41
C LEU C 174 21.09 -9.43 -11.61
N SER C 175 21.21 -8.14 -11.35
CA SER C 175 20.10 -7.42 -10.69
C SER C 175 20.18 -5.93 -10.91
N ILE C 176 19.02 -5.29 -10.76
CA ILE C 176 18.90 -3.86 -10.82
C ILE C 176 18.39 -3.35 -9.46
N VAL C 177 18.95 -2.23 -9.03
CA VAL C 177 18.48 -1.61 -7.79
C VAL C 177 18.13 -0.17 -8.10
N ASN C 178 16.84 0.17 -8.00
CA ASN C 178 16.39 1.53 -8.12
C ASN C 178 16.25 2.30 -6.78
N LEU C 179 16.82 3.50 -6.76
CA LEU C 179 16.70 4.43 -5.63
C LEU C 179 15.36 5.20 -5.65
N CYS C 180 14.49 4.77 -4.73
CA CYS C 180 13.12 5.24 -4.63
C CYS C 180 13.01 6.30 -3.50
N ASP C 181 11.87 6.38 -2.83
CA ASP C 181 11.61 7.44 -1.84
C ASP C 181 10.52 6.92 -0.91
N ALA C 182 10.91 6.72 0.35
CA ALA C 182 10.03 6.22 1.39
C ALA C 182 8.88 7.18 1.62
N MET C 183 9.00 8.44 1.26
CA MET C 183 7.94 9.42 1.49
C MET C 183 7.05 9.64 0.29
N VAL C 184 7.08 8.70 -0.66
CA VAL C 184 6.33 8.76 -1.89
C VAL C 184 4.79 8.92 -1.71
N ASP C 185 4.28 8.41 -0.58
CA ASP C 185 2.85 8.52 -0.32
C ASP C 185 2.48 9.63 0.62
N GLN C 186 3.47 10.32 1.12
CA GLN C 186 3.29 11.49 1.95
C GLN C 186 4.20 12.58 1.41
N PRO C 187 3.89 13.05 0.21
CA PRO C 187 4.87 13.80 -0.55
C PRO C 187 5.09 15.23 -0.03
N CYS C 188 6.27 15.76 -0.29
CA CYS C 188 6.59 17.16 -0.01
C CYS C 188 5.64 18.04 -0.81
N MET C 189 5.22 19.11 -0.16
CA MET C 189 4.37 20.13 -0.74
C MET C 189 5.05 20.78 -1.96
N ALA C 190 4.29 20.95 -3.03
CA ALA C 190 4.78 21.49 -4.34
C ALA C 190 5.84 20.68 -5.13
N PHE C 191 5.93 19.39 -4.86
CA PHE C 191 6.83 18.54 -5.58
C PHE C 191 6.12 17.46 -6.40
N SER C 192 4.97 17.82 -7.00
CA SER C 192 4.18 16.83 -7.75
CA SER C 192 4.16 16.85 -7.79
C SER C 192 5.01 16.13 -8.80
N LEU C 193 5.82 16.87 -9.57
CA LEU C 193 6.53 16.22 -10.69
C LEU C 193 7.54 15.26 -10.20
N TYR C 194 8.31 15.67 -9.19
CA TYR C 194 9.32 14.78 -8.59
C TYR C 194 8.60 13.55 -8.09
N ASN C 195 7.46 13.78 -7.43
CA ASN C 195 6.69 12.67 -6.81
C ASN C 195 6.12 11.75 -7.88
N MET C 196 5.67 12.33 -8.98
CA MET C 196 5.24 11.50 -10.11
C MET C 196 6.35 10.61 -10.62
N GLY C 197 7.57 11.17 -10.74
CA GLY C 197 8.68 10.41 -11.20
C GLY C 197 9.00 9.25 -10.26
N LYS C 198 8.99 9.50 -8.98
CA LYS C 198 9.34 8.41 -8.06
C LYS C 198 8.23 7.37 -8.00
N HIS C 199 6.99 7.79 -8.17
CA HIS C 199 5.90 6.81 -8.35
C HIS C 199 6.09 5.96 -9.60
N ALA C 200 6.42 6.60 -10.72
CA ALA C 200 6.76 5.83 -11.97
C ALA C 200 7.87 4.85 -11.73
N LEU C 201 8.87 5.26 -10.96
CA LEU C 201 9.97 4.39 -10.63
C LEU C 201 9.56 3.13 -9.84
N VAL C 202 8.69 3.32 -8.84
CA VAL C 202 8.01 2.16 -8.20
C VAL C 202 7.38 1.27 -9.27
N GLY C 203 6.62 1.87 -10.15
CA GLY C 203 5.96 1.18 -11.28
C GLY C 203 6.95 0.35 -12.09
N LEU C 204 8.05 0.98 -12.49
CA LEU C 204 9.06 0.29 -13.32
C LEU C 204 9.70 -0.81 -12.53
N THR C 205 9.88 -0.57 -11.22
CA THR C 205 10.54 -1.58 -10.38
C THR C 205 9.75 -2.86 -10.42
N GLN C 206 8.44 -2.70 -10.31
CA GLN C 206 7.51 -3.80 -10.26
C GLN C 206 7.36 -4.42 -11.66
N SER C 207 7.14 -3.60 -12.66
CA SER C 207 6.99 -4.12 -14.03
C SER C 207 8.21 -4.88 -14.52
N ALA C 208 9.37 -4.28 -14.36
CA ALA C 208 10.61 -4.91 -14.77
C ALA C 208 10.97 -6.14 -13.97
N ALA C 209 10.61 -6.18 -12.67
CA ALA C 209 10.86 -7.39 -11.90
C ALA C 209 10.04 -8.53 -12.51
N LEU C 210 8.78 -8.23 -12.83
CA LEU C 210 7.92 -9.27 -13.38
C LEU C 210 8.44 -9.80 -14.75
N GLU C 211 8.66 -8.86 -15.66
CA GLU C 211 9.03 -9.13 -17.04
C GLU C 211 10.42 -9.74 -17.18
N LEU C 212 11.35 -9.31 -16.33
CA LEU C 212 12.71 -9.81 -16.39
C LEU C 212 13.03 -11.03 -15.53
N ALA C 213 12.12 -11.46 -14.68
CA ALA C 213 12.42 -12.64 -13.90
C ALA C 213 12.80 -13.86 -14.74
N PRO C 214 12.13 -14.07 -15.90
CA PRO C 214 12.53 -15.12 -16.85
C PRO C 214 14.03 -15.17 -17.22
N TYR C 215 14.66 -14.01 -17.27
CA TYR C 215 16.07 -13.91 -17.55
C TYR C 215 16.98 -14.03 -16.35
N GLY C 216 16.43 -14.28 -15.17
CA GLY C 216 17.25 -14.32 -13.97
C GLY C 216 17.71 -12.92 -13.57
N ILE C 217 17.04 -11.89 -14.08
CA ILE C 217 17.40 -10.52 -13.73
C ILE C 217 16.43 -10.04 -12.64
N ARG C 218 16.94 -9.83 -11.42
CA ARG C 218 16.12 -9.34 -10.27
C ARG C 218 16.06 -7.84 -10.31
N VAL C 219 14.90 -7.26 -9.92
CA VAL C 219 14.72 -5.79 -9.95
C VAL C 219 14.12 -5.29 -8.61
N ASN C 220 14.88 -4.44 -7.92
CA ASN C 220 14.53 -4.06 -6.55
C ASN C 220 14.75 -2.60 -6.29
N GLY C 221 14.22 -2.09 -5.18
CA GLY C 221 14.31 -0.70 -4.83
C GLY C 221 14.86 -0.50 -3.42
N VAL C 222 15.53 0.62 -3.18
CA VAL C 222 15.95 1.08 -1.88
C VAL C 222 15.36 2.48 -1.76
N ALA C 223 14.61 2.70 -0.68
CA ALA C 223 13.84 3.92 -0.46
C ALA C 223 14.31 4.69 0.76
N PRO C 224 15.18 5.69 0.57
CA PRO C 224 15.57 6.56 1.69
C PRO C 224 14.47 7.50 2.08
N GLY C 225 14.52 7.92 3.34
CA GLY C 225 13.62 8.94 3.84
C GLY C 225 14.32 10.26 3.82
N VAL C 226 14.94 10.60 4.94
CA VAL C 226 15.93 11.66 5.01
C VAL C 226 17.32 11.02 5.10
N SER C 227 18.08 11.23 4.05
CA SER C 227 19.49 10.94 4.06
C SER C 227 20.19 12.29 3.90
N LEU C 228 21.34 12.28 3.20
CA LEU C 228 22.17 13.47 3.13
C LEU C 228 21.32 14.61 2.64
N LEU C 229 21.30 15.67 3.43
CA LEU C 229 20.43 16.80 3.16
C LEU C 229 21.03 17.60 2.03
N PRO C 230 20.22 18.42 1.36
CA PRO C 230 20.75 19.20 0.23
C PRO C 230 21.76 20.23 0.69
N VAL C 231 22.87 20.32 -0.04
CA VAL C 231 24.00 21.15 0.36
C VAL C 231 23.57 22.60 0.70
N ALA C 232 22.66 23.15 -0.08
CA ALA C 232 22.25 24.54 0.10
C ALA C 232 21.20 24.75 1.20
N MET C 233 20.63 23.68 1.74
CA MET C 233 19.58 23.80 2.74
C MET C 233 20.15 24.47 3.99
N GLY C 234 19.35 25.30 4.66
CA GLY C 234 19.77 25.98 5.86
C GLY C 234 20.04 25.00 6.99
N GLU C 235 20.92 25.38 7.90
CA GLU C 235 21.32 24.48 8.99
C GLU C 235 20.15 24.17 9.94
N GLU C 236 19.33 25.17 10.18
CA GLU C 236 18.12 24.99 10.99
C GLU C 236 17.12 24.10 10.24
N GLU C 237 17.07 24.26 8.91
CA GLU C 237 16.14 23.49 8.08
C GLU C 237 16.48 22.01 8.19
N LYS C 238 17.78 21.75 8.11
CA LYS C 238 18.33 20.40 8.25
C LYS C 238 17.99 19.78 9.61
N ASP C 239 18.16 20.53 10.70
CA ASP C 239 17.85 19.98 12.03
C ASP C 239 16.35 19.76 12.18
N LYS C 240 15.53 20.61 11.58
CA LYS C 240 14.10 20.33 11.57
C LYS C 240 13.74 18.94 10.99
N TRP C 241 14.37 18.58 9.87
CA TRP C 241 14.14 17.28 9.23
C TRP C 241 14.72 16.14 10.08
N ARG C 242 15.91 16.35 10.65
CA ARG C 242 16.53 15.37 11.54
C ARG C 242 15.62 14.97 12.69
N ARG C 243 14.95 15.96 13.25
CA ARG C 243 14.15 15.77 14.43
C ARG C 243 12.91 14.88 14.18
N LYS C 244 12.49 14.80 12.91
CA LYS C 244 11.30 14.01 12.55
C LYS C 244 11.56 12.51 12.65
N VAL C 245 12.84 12.11 12.57
CA VAL C 245 13.21 10.72 12.47
C VAL C 245 13.15 10.01 13.82
N PRO C 246 12.25 9.00 13.94
CA PRO C 246 12.13 8.25 15.20
C PRO C 246 13.41 7.59 15.68
N LEU C 247 14.11 6.93 14.76
CA LEU C 247 15.27 6.17 15.09
C LEU C 247 16.49 7.06 15.07
N GLY C 248 16.73 7.73 16.19
CA GLY C 248 17.99 8.44 16.38
C GLY C 248 18.00 9.92 16.06
N ARG C 249 16.87 10.47 15.65
CA ARG C 249 16.77 11.88 15.26
C ARG C 249 17.91 12.40 14.40
N ARG C 250 18.34 11.56 13.46
CA ARG C 250 19.38 11.91 12.51
C ARG C 250 19.04 11.33 11.13
N GLU C 251 19.65 11.90 10.10
CA GLU C 251 19.58 11.31 8.75
C GLU C 251 20.43 10.06 8.61
N ALA C 252 20.10 9.28 7.59
CA ALA C 252 20.94 8.16 7.23
C ALA C 252 22.15 8.72 6.51
N SER C 253 23.29 8.14 6.80
CA SER C 253 24.49 8.29 6.00
C SER C 253 24.36 7.54 4.67
N ALA C 254 25.10 8.00 3.68
CA ALA C 254 25.07 7.36 2.38
C ALA C 254 25.48 5.90 2.54
N GLU C 255 26.43 5.67 3.41
CA GLU C 255 26.81 4.31 3.66
C GLU C 255 25.62 3.41 4.05
N GLN C 256 24.73 3.94 4.90
CA GLN C 256 23.56 3.17 5.37
C GLN C 256 22.65 2.82 4.19
N ILE C 257 22.50 3.80 3.30
CA ILE C 257 21.77 3.58 2.09
C ILE C 257 22.44 2.53 1.22
N ALA C 258 23.74 2.65 1.06
CA ALA C 258 24.46 1.71 0.22
C ALA C 258 24.41 0.33 0.77
N ASP C 259 24.41 0.19 2.09
CA ASP C 259 24.38 -1.15 2.72
C ASP C 259 23.20 -1.99 2.20
N ALA C 260 22.05 -1.35 2.01
CA ALA C 260 20.84 -2.05 1.56
C ALA C 260 20.97 -2.39 0.10
N VAL C 261 21.63 -1.51 -0.63
CA VAL C 261 21.98 -1.82 -2.02
C VAL C 261 22.81 -3.08 -2.15
N ILE C 262 23.91 -3.10 -1.43
CA ILE C 262 24.78 -4.26 -1.42
C ILE C 262 24.03 -5.55 -1.02
N PHE C 263 23.12 -5.46 -0.06
CA PHE C 263 22.37 -6.66 0.29
C PHE C 263 21.60 -7.15 -0.95
N LEU C 264 20.89 -6.22 -1.57
CA LEU C 264 20.01 -6.56 -2.63
C LEU C 264 20.79 -7.20 -3.81
N VAL C 265 22.00 -6.73 -4.11
CA VAL C 265 22.80 -7.38 -5.19
C VAL C 265 23.48 -8.69 -4.77
N SER C 266 23.67 -8.89 -3.47
CA SER C 266 24.31 -10.10 -2.95
C SER C 266 23.52 -11.39 -3.21
N GLY C 267 24.18 -12.51 -2.98
CA GLY C 267 23.55 -13.82 -3.10
C GLY C 267 22.61 -14.08 -1.95
N SER C 268 22.67 -13.25 -0.91
CA SER C 268 21.73 -13.31 0.21
C SER C 268 20.32 -12.76 -0.12
N ALA C 269 20.15 -12.22 -1.33
CA ALA C 269 18.88 -11.69 -1.87
C ALA C 269 18.49 -12.38 -3.20
N GLN C 270 19.01 -13.56 -3.46
CA GLN C 270 18.76 -14.21 -4.78
C GLN C 270 17.30 -14.62 -5.08
N TYR C 271 16.42 -14.60 -4.09
CA TYR C 271 15.01 -14.79 -4.33
C TYR C 271 14.20 -13.49 -4.26
N ILE C 272 14.84 -12.40 -3.92
CA ILE C 272 14.23 -11.10 -3.78
C ILE C 272 14.17 -10.35 -5.11
N THR C 273 12.94 -10.16 -5.62
CA THR C 273 12.71 -9.28 -6.74
C THR C 273 11.37 -8.61 -6.58
N GLY C 274 11.31 -7.36 -7.02
CA GLY C 274 10.16 -6.53 -6.92
C GLY C 274 9.96 -5.93 -5.56
N SER C 275 11.02 -5.95 -4.74
CA SER C 275 10.96 -5.47 -3.39
C SER C 275 11.59 -4.13 -3.29
N ILE C 276 11.02 -3.30 -2.44
CA ILE C 276 11.52 -1.94 -2.20
C ILE C 276 11.72 -1.85 -0.72
N ILE C 277 12.97 -1.68 -0.31
CA ILE C 277 13.30 -1.70 1.08
C ILE C 277 13.46 -0.28 1.51
N LYS C 278 12.61 0.13 2.45
CA LYS C 278 12.76 1.46 3.07
C LYS C 278 13.95 1.45 3.98
N VAL C 279 14.64 2.57 3.99
CA VAL C 279 15.73 2.80 4.89
C VAL C 279 15.58 4.22 5.40
N ASP C 280 14.64 4.41 6.32
CA ASP C 280 14.14 5.71 6.71
C ASP C 280 14.03 5.92 8.21
N GLY C 281 14.50 4.99 9.01
CA GLY C 281 14.50 5.20 10.47
C GLY C 281 13.10 5.42 11.01
N GLY C 282 12.09 4.88 10.28
CA GLY C 282 10.69 4.98 10.67
C GLY C 282 10.03 6.28 10.31
N LEU C 283 10.74 7.16 9.59
CA LEU C 283 10.14 8.48 9.22
C LEU C 283 8.79 8.36 8.54
N SER C 284 8.65 7.43 7.61
CA SER C 284 7.36 7.29 6.88
C SER C 284 6.13 6.83 7.72
N LEU C 285 6.40 6.26 8.89
CA LEU C 285 5.40 5.80 9.88
C LEU C 285 4.81 6.87 10.78
N VAL C 286 5.41 8.06 10.79
CA VAL C 286 5.04 9.12 11.74
C VAL C 286 3.90 9.98 11.19
N HIS C 287 2.75 10.00 11.84
CA HIS C 287 1.68 10.86 11.38
C HIS C 287 2.04 12.36 11.48
N ALA C 288 1.34 13.17 10.71
CA ALA C 288 1.47 14.62 10.77
C ALA C 288 1.15 15.13 12.16
N GLU D 22 30.59 -10.34 24.67
CA GLU D 22 30.40 -11.76 24.24
C GLU D 22 29.25 -11.87 23.21
N ALA D 23 28.75 -13.09 23.01
CA ALA D 23 27.80 -13.39 21.96
C ALA D 23 26.39 -12.85 22.23
N PRO D 24 25.82 -12.14 21.26
CA PRO D 24 24.41 -11.77 21.52
C PRO D 24 23.50 -13.03 21.55
N ALA D 25 22.23 -12.87 21.94
CA ALA D 25 21.27 -13.98 21.95
C ALA D 25 19.93 -13.66 21.29
N ALA D 26 19.34 -14.68 20.67
CA ALA D 26 18.11 -14.52 19.93
C ALA D 26 17.08 -15.52 20.39
N VAL D 27 15.85 -15.05 20.44
CA VAL D 27 14.73 -15.94 20.52
C VAL D 27 14.17 -16.10 19.11
N VAL D 28 13.96 -17.34 18.71
CA VAL D 28 13.22 -17.67 17.48
C VAL D 28 12.02 -18.54 17.86
N THR D 29 10.78 -18.06 17.62
CA THR D 29 9.59 -18.86 17.87
C THR D 29 9.36 -19.83 16.76
N GLY D 30 8.76 -20.99 17.09
CA GLY D 30 8.55 -22.06 16.11
C GLY D 30 9.82 -22.44 15.37
N ALA D 31 10.93 -22.54 16.09
CA ALA D 31 12.25 -22.77 15.47
C ALA D 31 12.66 -24.28 15.32
N ALA D 32 11.74 -25.20 15.57
CA ALA D 32 12.09 -26.61 15.61
C ALA D 32 12.29 -27.09 14.21
N LYS D 33 11.56 -26.52 13.25
CA LYS D 33 11.69 -27.02 11.87
C LYS D 33 11.44 -25.96 10.81
N ARG D 34 11.51 -26.41 9.57
CA ARG D 34 11.31 -25.55 8.40
C ARG D 34 11.94 -24.17 8.60
N ILE D 35 11.19 -23.10 8.39
CA ILE D 35 11.83 -21.82 8.22
C ILE D 35 12.43 -21.30 9.55
N GLY D 36 11.71 -21.48 10.66
CA GLY D 36 12.25 -21.05 11.96
C GLY D 36 13.59 -21.71 12.32
N ARG D 37 13.78 -22.93 11.86
CA ARG D 37 14.96 -23.69 12.18
C ARG D 37 16.08 -23.10 11.35
N ALA D 38 15.83 -22.84 10.07
CA ALA D 38 16.84 -22.20 9.24
C ALA D 38 17.24 -20.86 9.80
N ILE D 39 16.30 -20.13 10.38
CA ILE D 39 16.64 -18.85 10.99
C ILE D 39 17.51 -19.08 12.27
N ALA D 40 17.10 -20.01 13.13
CA ALA D 40 17.89 -20.34 14.32
C ALA D 40 19.32 -20.74 13.91
N VAL D 41 19.46 -21.64 12.93
CA VAL D 41 20.79 -22.12 12.44
C VAL D 41 21.63 -20.96 11.97
N LYS D 42 21.10 -20.17 11.02
CA LYS D 42 21.86 -19.04 10.51
C LYS D 42 22.26 -18.05 11.58
N LEU D 43 21.37 -17.81 12.55
CA LEU D 43 21.69 -16.87 13.61
C LEU D 43 22.87 -17.42 14.44
N HIS D 44 22.81 -18.69 14.75
CA HIS D 44 23.86 -19.38 15.50
C HIS D 44 25.20 -19.29 14.75
N GLN D 45 25.17 -19.68 13.49
CA GLN D 45 26.31 -19.53 12.58
C GLN D 45 26.89 -18.15 12.49
N THR D 46 26.09 -17.15 12.80
CA THR D 46 26.55 -15.76 12.76
C THR D 46 27.15 -15.35 14.11
N GLY D 47 26.98 -16.17 15.15
CA GLY D 47 27.53 -15.87 16.48
C GLY D 47 26.53 -15.82 17.63
N TYR D 48 25.24 -15.99 17.32
CA TYR D 48 24.24 -15.81 18.34
C TYR D 48 24.07 -17.07 19.13
N ARG D 49 23.80 -16.86 20.41
CA ARG D 49 23.25 -17.91 21.23
C ARG D 49 21.75 -17.90 20.98
N VAL D 50 21.10 -19.07 21.00
CA VAL D 50 19.69 -19.16 20.56
C VAL D 50 18.72 -19.88 21.50
N VAL D 51 17.61 -19.21 21.82
CA VAL D 51 16.44 -19.91 22.36
C VAL D 51 15.55 -20.43 21.25
N ILE D 52 15.44 -21.73 21.20
CA ILE D 52 14.66 -22.44 20.20
C ILE D 52 13.29 -22.71 20.75
N HIS D 53 12.30 -21.83 20.52
CA HIS D 53 10.96 -22.09 21.01
C HIS D 53 10.22 -23.10 20.10
N TYR D 54 9.41 -23.92 20.74
CA TYR D 54 8.58 -24.92 20.06
C TYR D 54 7.27 -25.10 20.81
N HIS D 55 6.32 -25.75 20.14
CA HIS D 55 5.07 -26.07 20.74
C HIS D 55 4.99 -27.58 20.97
N ASN D 56 4.71 -28.32 19.89
CA ASN D 56 4.52 -29.73 19.88
C ASN D 56 5.74 -30.47 19.38
N SER D 57 6.72 -29.79 18.76
CA SER D 57 7.82 -30.50 18.10
C SER D 57 9.05 -30.68 18.99
N ALA D 58 8.80 -31.36 20.13
CA ALA D 58 9.84 -31.53 21.19
C ALA D 58 11.05 -32.27 20.71
N GLU D 59 10.87 -33.40 20.04
CA GLU D 59 12.00 -34.21 19.58
C GLU D 59 12.88 -33.44 18.60
N ALA D 60 12.28 -32.83 17.58
CA ALA D 60 13.03 -31.99 16.64
C ALA D 60 13.71 -30.76 17.29
N ALA D 61 12.98 -30.10 18.17
CA ALA D 61 13.60 -29.04 18.99
C ALA D 61 14.90 -29.45 19.74
N VAL D 62 14.83 -30.50 20.57
CA VAL D 62 16.03 -30.83 21.40
C VAL D 62 17.16 -31.36 20.51
N SER D 63 16.77 -31.98 19.41
CA SER D 63 17.73 -32.40 18.39
C SER D 63 18.49 -31.22 17.73
N LEU D 64 17.82 -30.10 17.50
CA LEU D 64 18.55 -28.97 16.90
C LEU D 64 19.47 -28.34 17.95
N ALA D 65 18.98 -28.23 19.19
CA ALA D 65 19.79 -27.64 20.25
C ALA D 65 21.11 -28.45 20.42
N ASP D 66 20.98 -29.77 20.40
CA ASP D 66 22.18 -30.68 20.39
C ASP D 66 23.14 -30.35 19.28
N GLU D 67 22.63 -30.34 18.05
CA GLU D 67 23.45 -29.99 16.88
C GLU D 67 24.19 -28.69 17.09
N LEU D 68 23.51 -27.69 17.63
CA LEU D 68 24.16 -26.39 17.77
C LEU D 68 25.18 -26.33 18.90
N ASN D 69 24.86 -26.92 20.03
CA ASN D 69 25.75 -26.90 21.20
C ASN D 69 27.08 -27.68 20.97
N LYS D 70 26.98 -28.81 20.27
CA LYS D 70 28.18 -29.54 19.82
C LYS D 70 29.09 -28.70 18.97
N GLU D 71 28.52 -27.75 18.23
CA GLU D 71 29.32 -26.86 17.38
C GLU D 71 29.93 -25.70 18.21
N ARG D 72 29.16 -25.23 19.21
CA ARG D 72 29.65 -24.23 20.18
C ARG D 72 28.91 -24.44 21.49
N SER D 73 29.57 -25.06 22.45
CA SER D 73 28.89 -25.51 23.66
C SER D 73 28.17 -24.38 24.43
N ASN D 74 27.09 -24.70 25.09
CA ASN D 74 26.34 -23.70 25.85
C ASN D 74 25.82 -22.51 25.01
N THR D 75 25.27 -22.79 23.83
CA THR D 75 24.76 -21.70 22.99
C THR D 75 23.31 -21.90 22.49
N ALA D 76 22.62 -22.94 22.97
CA ALA D 76 21.24 -23.24 22.62
C ALA D 76 20.44 -23.87 23.77
N VAL D 77 19.24 -23.36 24.03
CA VAL D 77 18.27 -24.10 24.83
C VAL D 77 16.95 -24.13 24.07
N VAL D 78 16.07 -25.05 24.46
CA VAL D 78 14.73 -25.03 23.90
C VAL D 78 13.75 -24.49 24.94
N CYS D 79 12.55 -24.08 24.49
CA CYS D 79 11.56 -23.53 25.39
C CYS D 79 10.21 -23.80 24.75
N GLN D 80 9.40 -24.59 25.47
CA GLN D 80 8.10 -25.01 25.05
C GLN D 80 7.06 -23.96 25.39
N ALA D 81 6.22 -23.61 24.44
CA ALA D 81 5.07 -22.80 24.75
C ALA D 81 4.03 -22.91 23.70
N ASP D 82 2.79 -22.89 24.14
CA ASP D 82 1.66 -22.81 23.25
C ASP D 82 1.38 -21.32 23.10
N LEU D 83 1.27 -20.88 21.85
CA LEU D 83 1.11 -19.43 21.55
C LEU D 83 -0.30 -19.06 21.12
N THR D 84 -1.23 -19.99 21.28
CA THR D 84 -2.67 -19.70 21.19
C THR D 84 -3.04 -18.63 22.17
N ASN D 85 -3.98 -17.75 21.77
CA ASN D 85 -4.44 -16.69 22.64
C ASN D 85 -5.22 -17.29 23.77
N SER D 86 -5.03 -16.69 24.94
CA SER D 86 -5.70 -17.05 26.18
C SER D 86 -5.22 -16.06 27.25
N ASN D 87 -5.86 -16.10 28.41
CA ASN D 87 -5.49 -15.22 29.48
C ASN D 87 -4.09 -15.46 30.04
N VAL D 88 -3.49 -16.60 29.74
CA VAL D 88 -2.16 -16.86 30.26
C VAL D 88 -1.11 -16.64 29.19
N LEU D 89 -1.52 -16.33 27.97
CA LEU D 89 -0.51 -16.07 26.91
C LEU D 89 0.52 -15.00 27.29
N PRO D 90 0.09 -13.91 27.98
CA PRO D 90 1.10 -12.91 28.38
C PRO D 90 2.18 -13.49 29.28
N ALA D 91 1.80 -14.33 30.23
CA ALA D 91 2.81 -15.03 31.03
C ALA D 91 3.68 -15.96 30.22
N SER D 92 3.11 -16.73 29.30
CA SER D 92 3.93 -17.64 28.50
C SER D 92 4.94 -16.87 27.67
N CYS D 93 4.52 -15.73 27.12
CA CYS D 93 5.45 -14.89 26.35
C CYS D 93 6.51 -14.30 27.24
N GLU D 94 6.10 -13.76 28.38
CA GLU D 94 7.07 -13.31 29.36
C GLU D 94 8.12 -14.38 29.71
N GLU D 95 7.73 -15.65 29.74
CA GLU D 95 8.58 -16.72 30.18
C GLU D 95 9.52 -17.06 29.08
N ILE D 96 9.05 -17.03 27.82
CA ILE D 96 9.98 -17.22 26.69
C ILE D 96 11.14 -16.25 26.75
N ILE D 97 10.84 -14.96 27.02
CA ILE D 97 11.92 -13.95 27.06
C ILE D 97 12.82 -14.22 28.30
N ASN D 98 12.18 -14.46 29.44
CA ASN D 98 12.90 -14.80 30.70
C ASN D 98 13.81 -15.99 30.51
N SER D 99 13.36 -16.94 29.68
CA SER D 99 14.17 -18.08 29.34
C SER D 99 15.45 -17.75 28.62
N CYS D 100 15.43 -16.71 27.79
CA CYS D 100 16.63 -16.25 27.14
C CYS D 100 17.55 -15.60 28.15
N PHE D 101 17.02 -14.85 29.09
CA PHE D 101 17.91 -14.14 30.02
C PHE D 101 18.53 -15.16 30.99
N ARG D 102 17.74 -16.17 31.34
CA ARG D 102 18.13 -17.17 32.31
C ARG D 102 19.33 -17.90 31.72
N ALA D 103 19.19 -18.39 30.48
CA ALA D 103 20.28 -19.09 29.82
C ALA D 103 21.42 -18.21 29.39
N PHE D 104 21.20 -16.98 28.94
CA PHE D 104 22.32 -16.20 28.37
C PHE D 104 22.62 -14.82 28.97
N GLY D 105 21.86 -14.39 29.98
CA GLY D 105 22.07 -13.08 30.59
C GLY D 105 21.61 -11.88 29.76
N ARG D 106 21.18 -12.13 28.51
CA ARG D 106 20.76 -11.07 27.61
C ARG D 106 19.76 -11.60 26.54
N CYS D 107 19.14 -10.69 25.81
CA CYS D 107 18.23 -11.02 24.70
C CYS D 107 18.27 -9.87 23.73
N ASP D 108 18.92 -10.09 22.59
CA ASP D 108 19.19 -9.02 21.64
C ASP D 108 18.23 -9.09 20.43
N VAL D 109 17.74 -10.26 20.14
CA VAL D 109 16.98 -10.47 18.94
C VAL D 109 15.77 -11.33 19.24
N LEU D 110 14.61 -10.86 18.77
CA LEU D 110 13.40 -11.64 18.81
C LEU D 110 12.91 -11.83 17.36
N VAL D 111 12.71 -13.10 16.98
CA VAL D 111 12.15 -13.46 15.68
C VAL D 111 10.79 -14.11 15.88
N ASN D 112 9.72 -13.44 15.47
CA ASN D 112 8.42 -14.02 15.55
C ASN D 112 8.08 -14.78 14.29
N ASN D 113 8.23 -16.10 14.35
CA ASN D 113 8.07 -17.01 13.24
C ASN D 113 6.90 -17.98 13.37
N ALA D 114 6.59 -18.44 14.59
CA ALA D 114 5.56 -19.42 14.80
C ALA D 114 4.21 -18.98 14.33
N SER D 115 3.43 -19.91 13.79
CA SER D 115 2.25 -19.52 13.08
C SER D 115 1.36 -20.70 12.83
N ALA D 116 0.09 -20.60 13.22
CA ALA D 116 -0.91 -21.55 12.78
C ALA D 116 -1.41 -21.05 11.43
N PHE D 117 -1.82 -22.01 10.61
CA PHE D 117 -2.23 -21.77 9.23
C PHE D 117 -3.18 -22.87 8.77
N TYR D 118 -4.43 -22.51 8.57
CA TYR D 118 -5.44 -23.46 8.09
C TYR D 118 -6.67 -22.63 7.73
N PRO D 119 -7.59 -23.20 6.92
CA PRO D 119 -8.72 -22.43 6.47
C PRO D 119 -9.76 -22.30 7.55
N THR D 120 -10.49 -21.18 7.54
CA THR D 120 -11.59 -20.87 8.41
C THR D 120 -12.70 -20.21 7.59
N PRO D 121 -13.41 -21.00 6.77
CA PRO D 121 -14.37 -20.45 5.82
C PRO D 121 -15.45 -19.71 6.53
N LEU D 122 -15.97 -18.63 5.91
CA LEU D 122 -17.02 -17.82 6.53
C LEU D 122 -18.37 -18.56 6.49
N VAL D 123 -18.50 -19.47 5.54
CA VAL D 123 -19.77 -20.16 5.31
C VAL D 123 -19.56 -21.66 5.45
N GLY D 133 -12.89 -30.19 13.33
CA GLY D 133 -13.87 -30.08 14.41
C GLY D 133 -13.34 -29.19 15.53
N LYS D 134 -12.75 -28.05 15.17
CA LYS D 134 -12.36 -27.05 16.17
C LYS D 134 -13.44 -26.01 16.22
N THR D 135 -13.62 -25.41 17.37
CA THR D 135 -14.64 -24.42 17.48
C THR D 135 -14.09 -23.13 16.85
N VAL D 136 -15.02 -22.26 16.50
CA VAL D 136 -14.66 -20.97 15.99
C VAL D 136 -13.89 -20.21 17.08
N GLU D 137 -14.32 -20.28 18.32
CA GLU D 137 -13.53 -19.67 19.40
C GLU D 137 -12.08 -20.14 19.42
N THR D 138 -11.84 -21.41 19.16
CA THR D 138 -10.46 -21.98 19.13
C THR D 138 -9.66 -21.53 17.91
N GLN D 139 -10.34 -21.44 16.78
CA GLN D 139 -9.71 -21.05 15.51
C GLN D 139 -9.25 -19.59 15.61
N VAL D 140 -10.10 -18.75 16.19
CA VAL D 140 -9.70 -17.36 16.45
C VAL D 140 -8.47 -17.32 17.42
N ALA D 141 -8.56 -18.08 18.52
CA ALA D 141 -7.49 -18.13 19.53
C ALA D 141 -6.14 -18.49 18.90
N GLU D 142 -6.12 -19.51 18.07
CA GLU D 142 -4.87 -20.04 17.52
C GLU D 142 -4.25 -19.14 16.42
N LEU D 143 -5.09 -18.77 15.47
CA LEU D 143 -4.67 -18.08 14.26
C LEU D 143 -4.27 -16.65 14.58
N ILE D 144 -5.08 -16.00 15.39
CA ILE D 144 -4.80 -14.64 15.79
C ILE D 144 -3.77 -14.58 16.91
N GLY D 145 -3.81 -15.54 17.82
CA GLY D 145 -2.80 -15.58 18.89
C GLY D 145 -1.42 -15.78 18.33
N THR D 146 -1.27 -16.78 17.49
CA THR D 146 0.06 -17.17 17.04
C THR D 146 0.62 -16.09 16.08
N ASN D 147 -0.22 -15.65 15.13
CA ASN D 147 0.23 -14.69 14.13
C ASN D 147 0.30 -13.28 14.58
N ALA D 148 -0.36 -12.92 15.68
CA ALA D 148 -0.45 -11.54 16.05
C ALA D 148 -0.28 -11.20 17.53
N ILE D 149 -1.14 -11.80 18.37
CA ILE D 149 -1.15 -11.51 19.80
C ILE D 149 0.18 -11.92 20.48
N ALA D 150 0.67 -13.11 20.19
CA ALA D 150 1.91 -13.55 20.80
C ALA D 150 3.05 -12.68 20.37
N PRO D 151 3.14 -12.39 19.06
CA PRO D 151 4.17 -11.43 18.69
C PRO D 151 4.15 -10.14 19.46
N PHE D 152 2.95 -9.62 19.72
CA PHE D 152 2.78 -8.36 20.42
C PHE D 152 3.23 -8.51 21.85
N LEU D 153 2.83 -9.63 22.46
CA LEU D 153 3.15 -9.84 23.87
C LEU D 153 4.65 -10.09 24.03
N LEU D 154 5.23 -10.80 23.11
CA LEU D 154 6.67 -11.05 23.15
C LEU D 154 7.48 -9.80 22.97
N THR D 155 7.02 -8.96 22.06
CA THR D 155 7.62 -7.68 21.82
C THR D 155 7.57 -6.85 23.07
N MET D 156 6.41 -6.86 23.73
CA MET D 156 6.28 -6.19 24.99
C MET D 156 7.25 -6.70 26.05
N SER D 157 7.33 -8.01 26.23
CA SER D 157 8.20 -8.56 27.28
C SER D 157 9.65 -8.31 26.87
N PHE D 158 9.95 -8.43 25.58
CA PHE D 158 11.28 -8.15 25.09
C PHE D 158 11.71 -6.71 25.47
N ALA D 159 10.88 -5.74 25.12
CA ALA D 159 11.18 -4.36 25.40
C ALA D 159 11.29 -4.04 26.91
N GLN D 160 10.40 -4.63 27.70
CA GLN D 160 10.35 -4.42 29.14
CA GLN D 160 10.36 -4.36 29.13
C GLN D 160 11.63 -4.89 29.79
N ARG D 161 12.15 -6.01 29.33
CA ARG D 161 13.38 -6.55 29.92
C ARG D 161 14.65 -5.75 29.60
N GLN D 162 14.64 -4.94 28.55
CA GLN D 162 15.88 -4.26 28.16
C GLN D 162 16.39 -3.25 29.20
N SER D 171 27.00 0.26 21.04
CA SER D 171 27.45 -1.02 21.59
C SER D 171 26.37 -2.12 21.61
N SER D 172 25.13 -1.80 21.23
CA SER D 172 24.05 -2.80 21.11
C SER D 172 23.36 -2.71 19.75
N ASN D 173 22.69 -3.78 19.37
CA ASN D 173 21.91 -3.80 18.14
C ASN D 173 20.70 -4.70 18.38
N LEU D 174 19.69 -4.11 19.01
CA LEU D 174 18.52 -4.85 19.42
C LEU D 174 17.53 -4.74 18.30
N SER D 175 16.93 -5.85 17.90
CA SER D 175 15.95 -5.77 16.83
C SER D 175 14.98 -6.92 16.85
N ILE D 176 13.81 -6.69 16.28
CA ILE D 176 12.78 -7.69 16.21
C ILE D 176 12.44 -7.91 14.74
N VAL D 177 12.29 -9.16 14.37
CA VAL D 177 11.88 -9.52 12.99
C VAL D 177 10.66 -10.43 13.04
N ASN D 178 9.61 -9.93 12.42
CA ASN D 178 8.35 -10.62 12.25
C ASN D 178 8.22 -11.22 10.93
N LEU D 179 7.88 -12.48 10.88
CA LEU D 179 7.63 -13.20 9.61
C LEU D 179 6.22 -12.90 9.19
N CYS D 180 6.12 -12.09 8.13
CA CYS D 180 4.86 -11.64 7.61
C CYS D 180 4.49 -12.51 6.41
N ASP D 181 3.75 -11.98 5.44
CA ASP D 181 3.29 -12.75 4.28
C ASP D 181 3.19 -11.82 3.08
N ALA D 182 3.99 -12.07 2.05
CA ALA D 182 3.90 -11.26 0.82
C ALA D 182 2.51 -11.25 0.17
N MET D 183 1.67 -12.25 0.44
CA MET D 183 0.34 -12.32 -0.17
C MET D 183 -0.80 -11.71 0.65
N VAL D 184 -0.44 -10.88 1.60
CA VAL D 184 -1.37 -10.45 2.61
C VAL D 184 -2.48 -9.62 1.94
N ASP D 185 -2.17 -8.96 0.80
CA ASP D 185 -3.25 -8.29 0.08
C ASP D 185 -3.89 -9.04 -1.08
N GLN D 186 -3.49 -10.29 -1.27
CA GLN D 186 -4.08 -11.19 -2.26
C GLN D 186 -4.24 -12.55 -1.58
N PRO D 187 -5.10 -12.59 -0.57
CA PRO D 187 -5.16 -13.69 0.37
C PRO D 187 -5.70 -15.00 -0.23
N CYS D 188 -5.33 -16.11 0.41
CA CYS D 188 -5.82 -17.44 0.06
C CYS D 188 -7.31 -17.43 0.35
N MET D 189 -8.07 -18.11 -0.50
CA MET D 189 -9.51 -18.20 -0.35
C MET D 189 -9.87 -18.90 0.96
N ALA D 190 -10.77 -18.35 1.75
CA ALA D 190 -11.22 -18.95 3.01
C ALA D 190 -10.18 -18.96 4.16
N PHE D 191 -9.14 -18.12 4.08
CA PHE D 191 -8.13 -17.97 5.13
C PHE D 191 -8.27 -16.64 5.89
N SER D 192 -9.51 -16.22 6.21
CA SER D 192 -9.73 -14.87 6.73
C SER D 192 -9.04 -14.63 8.06
N LEU D 193 -9.14 -15.59 8.98
CA LEU D 193 -8.55 -15.40 10.33
C LEU D 193 -7.04 -15.41 10.22
N TYR D 194 -6.50 -16.32 9.44
CA TYR D 194 -5.05 -16.33 9.19
C TYR D 194 -4.64 -14.95 8.64
N ASN D 195 -5.41 -14.47 7.63
CA ASN D 195 -5.03 -13.24 6.90
C ASN D 195 -5.20 -12.06 7.85
N MET D 196 -6.27 -12.04 8.65
CA MET D 196 -6.42 -10.98 9.68
C MET D 196 -5.19 -10.92 10.60
N GLY D 197 -4.69 -12.09 10.92
CA GLY D 197 -3.54 -12.17 11.78
C GLY D 197 -2.30 -11.58 11.18
N LYS D 198 -2.03 -11.97 9.95
CA LYS D 198 -0.88 -11.45 9.28
C LYS D 198 -0.98 -9.98 9.03
N HIS D 199 -2.19 -9.46 8.75
CA HIS D 199 -2.37 -8.01 8.67
C HIS D 199 -2.12 -7.31 10.00
N ALA D 200 -2.66 -7.87 11.08
CA ALA D 200 -2.35 -7.31 12.41
C ALA D 200 -0.81 -7.29 12.66
N LEU D 201 -0.11 -8.30 12.17
CA LEU D 201 1.38 -8.34 12.35
C LEU D 201 2.14 -7.18 11.63
N VAL D 202 1.65 -6.85 10.43
CA VAL D 202 2.07 -5.62 9.76
C VAL D 202 1.84 -4.44 10.67
N GLY D 203 0.63 -4.27 11.20
CA GLY D 203 0.37 -3.18 12.09
C GLY D 203 1.26 -3.16 13.30
N LEU D 204 1.54 -4.32 13.87
CA LEU D 204 2.44 -4.40 15.00
C LEU D 204 3.84 -3.96 14.58
N THR D 205 4.31 -4.53 13.48
CA THR D 205 5.63 -4.18 12.93
C THR D 205 5.79 -2.66 12.90
N GLN D 206 4.83 -1.95 12.32
CA GLN D 206 4.92 -0.48 12.24
C GLN D 206 4.77 0.28 13.57
N SER D 207 3.77 -0.09 14.38
CA SER D 207 3.51 0.56 15.66
C SER D 207 4.69 0.39 16.61
N ALA D 208 5.20 -0.83 16.69
CA ALA D 208 6.33 -1.09 17.57
C ALA D 208 7.64 -0.47 16.99
N ALA D 209 7.79 -0.46 15.67
CA ALA D 209 8.94 0.27 15.11
C ALA D 209 8.91 1.71 15.60
N LEU D 210 7.73 2.32 15.51
CA LEU D 210 7.61 3.72 15.91
C LEU D 210 7.87 3.92 17.43
N GLU D 211 7.29 3.07 18.25
CA GLU D 211 7.28 3.31 19.70
C GLU D 211 8.61 2.91 20.37
N LEU D 212 9.27 1.92 19.79
CA LEU D 212 10.54 1.46 20.31
C LEU D 212 11.81 2.09 19.71
N ALA D 213 11.67 2.89 18.66
CA ALA D 213 12.81 3.60 18.10
C ALA D 213 13.56 4.40 19.17
N PRO D 214 12.82 5.08 20.06
CA PRO D 214 13.54 5.87 21.05
C PRO D 214 14.31 5.02 22.05
N TYR D 215 14.09 3.70 22.06
CA TYR D 215 14.94 2.83 22.87
C TYR D 215 16.01 2.11 22.05
N GLY D 216 16.20 2.48 20.77
CA GLY D 216 17.17 1.79 19.91
C GLY D 216 16.80 0.36 19.53
N ILE D 217 15.52 0.04 19.55
CA ILE D 217 15.08 -1.29 19.12
C ILE D 217 14.46 -1.12 17.75
N ARG D 218 14.96 -1.85 16.78
CA ARG D 218 14.40 -1.82 15.44
C ARG D 218 13.43 -2.95 15.32
N VAL D 219 12.34 -2.71 14.59
CA VAL D 219 11.34 -3.68 14.34
C VAL D 219 11.06 -3.81 12.86
N ASN D 220 11.30 -4.98 12.29
CA ASN D 220 11.07 -5.17 10.86
C ASN D 220 10.38 -6.41 10.55
N GLY D 221 10.09 -6.65 9.28
CA GLY D 221 9.51 -7.91 8.88
C GLY D 221 10.13 -8.53 7.64
N VAL D 222 9.89 -9.83 7.47
CA VAL D 222 10.28 -10.55 6.29
C VAL D 222 9.05 -11.26 5.85
N ALA D 223 8.73 -11.10 4.57
CA ALA D 223 7.51 -11.56 4.01
C ALA D 223 7.74 -12.57 2.89
N PRO D 224 7.67 -13.87 3.21
CA PRO D 224 7.76 -14.88 2.17
C PRO D 224 6.51 -14.91 1.29
N GLY D 225 6.64 -15.44 0.08
CA GLY D 225 5.53 -15.74 -0.80
C GLY D 225 5.17 -17.21 -0.70
N VAL D 226 5.72 -17.97 -1.64
CA VAL D 226 5.81 -19.43 -1.49
C VAL D 226 7.23 -19.80 -1.13
N SER D 227 7.34 -20.43 0.04
CA SER D 227 8.55 -21.04 0.54
C SER D 227 8.15 -22.52 0.85
N LEU D 228 8.86 -23.22 1.73
CA LEU D 228 8.65 -24.69 1.90
C LEU D 228 7.18 -24.96 2.02
N LEU D 229 6.68 -25.85 1.16
CA LEU D 229 5.23 -26.10 1.08
C LEU D 229 4.76 -27.12 2.12
N PRO D 230 3.50 -26.96 2.61
CA PRO D 230 3.06 -27.86 3.68
C PRO D 230 3.29 -29.31 3.26
N VAL D 231 3.91 -30.09 4.13
CA VAL D 231 4.41 -31.41 3.76
C VAL D 231 3.23 -32.34 3.38
N ALA D 232 2.08 -32.10 4.02
CA ALA D 232 0.80 -32.54 3.50
C ALA D 232 0.41 -31.66 2.30
N MET D 233 0.91 -32.00 1.12
CA MET D 233 0.48 -31.38 -0.15
C MET D 233 1.10 -32.16 -1.32
N GLY D 234 0.38 -32.24 -2.43
CA GLY D 234 0.71 -33.12 -3.54
C GLY D 234 1.51 -32.50 -4.66
N GLU D 235 2.00 -33.35 -5.58
CA GLU D 235 2.86 -32.88 -6.67
C GLU D 235 2.16 -31.90 -7.54
N GLU D 236 0.90 -32.17 -7.85
CA GLU D 236 0.18 -31.28 -8.73
C GLU D 236 0.05 -29.89 -8.06
N GLU D 237 -0.37 -29.85 -6.80
CA GLU D 237 -0.66 -28.57 -6.15
C GLU D 237 0.63 -27.84 -5.77
N LYS D 238 1.66 -28.59 -5.37
CA LYS D 238 2.97 -28.01 -5.09
C LYS D 238 3.51 -27.39 -6.37
N ASP D 239 3.39 -28.10 -7.47
CA ASP D 239 3.87 -27.58 -8.75
C ASP D 239 2.97 -26.47 -9.27
N LYS D 240 1.69 -26.48 -8.88
CA LYS D 240 0.79 -25.37 -9.22
C LYS D 240 1.35 -24.06 -8.61
N TRP D 241 1.80 -24.15 -7.36
CA TRP D 241 2.36 -23.00 -6.66
C TRP D 241 3.68 -22.61 -7.26
N ARG D 242 4.53 -23.61 -7.53
CA ARG D 242 5.83 -23.31 -8.12
C ARG D 242 5.72 -22.54 -9.44
N ARG D 243 4.84 -23.00 -10.30
CA ARG D 243 4.69 -22.39 -11.60
C ARG D 243 4.22 -20.93 -11.54
N LYS D 244 3.70 -20.46 -10.41
CA LYS D 244 3.25 -19.08 -10.32
C LYS D 244 4.40 -18.08 -10.14
N VAL D 245 5.56 -18.57 -9.72
CA VAL D 245 6.63 -17.72 -9.23
C VAL D 245 7.46 -17.30 -10.41
N PRO D 246 7.38 -16.01 -10.80
CA PRO D 246 8.14 -15.54 -11.93
C PRO D 246 9.63 -15.87 -11.85
N LEU D 247 10.26 -15.72 -10.70
CA LEU D 247 11.77 -15.85 -10.61
C LEU D 247 12.14 -17.30 -10.34
N GLY D 248 12.33 -18.05 -11.42
CA GLY D 248 12.76 -19.44 -11.33
C GLY D 248 11.65 -20.46 -11.18
N ARG D 249 10.39 -20.04 -11.21
CA ARG D 249 9.26 -20.97 -11.06
C ARG D 249 9.47 -22.00 -9.94
N ARG D 250 9.97 -21.56 -8.80
CA ARG D 250 10.13 -22.45 -7.66
C ARG D 250 9.89 -21.70 -6.35
N GLU D 251 9.73 -22.45 -5.26
CA GLU D 251 9.58 -21.89 -3.92
C GLU D 251 10.90 -21.40 -3.36
N ALA D 252 10.85 -20.48 -2.42
CA ALA D 252 12.03 -20.14 -1.65
C ALA D 252 12.40 -21.28 -0.71
N SER D 253 13.71 -21.55 -0.67
CA SER D 253 14.36 -22.28 0.41
C SER D 253 14.19 -21.57 1.76
N ALA D 254 14.13 -22.36 2.84
CA ALA D 254 14.09 -21.82 4.20
C ALA D 254 15.26 -20.89 4.39
N GLU D 255 16.37 -21.23 3.74
CA GLU D 255 17.64 -20.52 3.94
C GLU D 255 17.61 -19.16 3.26
N GLN D 256 16.89 -19.07 2.17
CA GLN D 256 16.71 -17.82 1.49
C GLN D 256 15.87 -16.86 2.36
N ILE D 257 14.82 -17.36 2.99
CA ILE D 257 14.08 -16.57 3.98
C ILE D 257 14.98 -16.12 5.14
N ALA D 258 15.81 -17.03 5.65
CA ALA D 258 16.61 -16.68 6.79
C ALA D 258 17.64 -15.60 6.44
N ASP D 259 18.13 -15.57 5.20
CA ASP D 259 19.18 -14.58 4.81
C ASP D 259 18.71 -13.12 4.96
N ALA D 260 17.45 -12.87 4.59
CA ALA D 260 16.82 -11.55 4.80
C ALA D 260 16.66 -11.24 6.28
N VAL D 261 16.34 -12.25 7.08
CA VAL D 261 16.27 -12.08 8.52
C VAL D 261 17.60 -11.65 9.11
N ILE D 262 18.65 -12.35 8.66
CA ILE D 262 20.01 -12.10 9.10
C ILE D 262 20.42 -10.70 8.71
N PHE D 263 20.01 -10.26 7.53
CA PHE D 263 20.37 -8.92 7.11
C PHE D 263 19.76 -7.86 8.05
N LEU D 264 18.45 -7.94 8.27
CA LEU D 264 17.74 -7.02 9.17
C LEU D 264 18.26 -6.94 10.58
N VAL D 265 18.77 -8.07 11.14
CA VAL D 265 19.36 -8.00 12.50
C VAL D 265 20.81 -7.49 12.46
N SER D 266 21.50 -7.74 11.35
CA SER D 266 22.86 -7.25 11.10
C SER D 266 23.09 -5.75 11.26
N GLY D 267 24.36 -5.40 11.40
CA GLY D 267 24.84 -4.02 11.40
C GLY D 267 24.70 -3.23 10.11
N SER D 268 24.31 -3.91 9.03
CA SER D 268 24.03 -3.26 7.76
C SER D 268 22.58 -2.77 7.63
N ALA D 269 21.78 -2.98 8.70
CA ALA D 269 20.39 -2.54 8.77
C ALA D 269 20.14 -1.61 9.93
N GLN D 270 21.17 -0.89 10.36
CA GLN D 270 21.05 -0.04 11.56
C GLN D 270 20.04 1.08 11.44
N TYR D 271 19.77 1.51 10.21
CA TYR D 271 18.81 2.61 9.95
C TYR D 271 17.42 2.14 9.48
N ILE D 272 17.24 0.83 9.42
CA ILE D 272 16.04 0.22 8.94
C ILE D 272 15.17 -0.13 10.10
N THR D 273 13.99 0.49 10.13
CA THR D 273 12.94 0.10 11.08
C THR D 273 11.59 0.36 10.48
N GLY D 274 10.70 -0.59 10.66
CA GLY D 274 9.39 -0.51 10.11
C GLY D 274 9.33 -0.90 8.66
N SER D 275 10.31 -1.64 8.18
CA SER D 275 10.35 -2.08 6.81
C SER D 275 9.99 -3.53 6.76
N ILE D 276 9.24 -3.94 5.74
CA ILE D 276 8.94 -5.33 5.55
C ILE D 276 9.54 -5.72 4.20
N ILE D 277 10.39 -6.74 4.19
CA ILE D 277 11.06 -7.08 2.95
C ILE D 277 10.41 -8.31 2.37
N LYS D 278 9.78 -8.22 1.20
CA LYS D 278 9.24 -9.41 0.53
C LYS D 278 10.41 -10.23 0.04
N VAL D 279 10.33 -11.53 0.30
CA VAL D 279 11.23 -12.49 -0.26
C VAL D 279 10.37 -13.51 -1.01
N ASP D 280 9.90 -13.15 -2.20
CA ASP D 280 8.80 -13.87 -2.84
C ASP D 280 8.97 -14.18 -4.31
N GLY D 281 10.14 -13.87 -4.85
CA GLY D 281 10.39 -14.19 -6.28
C GLY D 281 9.47 -13.52 -7.26
N GLY D 282 8.85 -12.42 -6.82
CA GLY D 282 7.90 -11.71 -7.63
C GLY D 282 6.46 -12.15 -7.55
N LEU D 283 6.15 -13.19 -6.81
CA LEU D 283 4.78 -13.75 -6.80
C LEU D 283 3.68 -12.70 -6.54
N SER D 284 3.92 -11.79 -5.62
CA SER D 284 2.92 -10.79 -5.23
C SER D 284 2.63 -9.78 -6.35
N LEU D 285 3.47 -9.78 -7.38
CA LEU D 285 3.29 -8.88 -8.51
C LEU D 285 2.43 -9.46 -9.61
N VAL D 286 2.10 -10.74 -9.53
CA VAL D 286 1.41 -11.47 -10.63
C VAL D 286 -0.12 -11.35 -10.53
N HIS D 287 -0.75 -10.78 -11.56
CA HIS D 287 -2.23 -10.67 -11.57
C HIS D 287 -2.87 -12.05 -11.78
N ALA D 288 -4.11 -12.16 -11.33
CA ALA D 288 -4.93 -13.35 -11.45
C ALA D 288 -5.00 -13.92 -12.86
S1 DTU E . -3.50 -5.54 -18.98
C1 DTU E . -4.01 -6.98 -19.93
C2 DTU E . -2.86 -7.27 -20.93
O2 DTU E . -2.28 -8.53 -20.52
C3 DTU E . -3.29 -7.24 -22.44
O3 DTU E . -3.67 -8.51 -22.98
C4 DTU E . -4.44 -6.28 -22.67
S4 DTU E . -4.76 -6.30 -24.46
PA NAP F . -9.67 3.87 -23.98
O1A NAP F . -10.87 3.58 -24.75
O2A NAP F . -8.50 2.97 -24.03
O5B NAP F . -9.16 5.36 -24.09
C5B NAP F . -10.01 6.46 -23.89
C4B NAP F . -9.64 7.56 -24.87
O4B NAP F . -8.28 7.87 -24.77
C3B NAP F . -9.70 7.24 -26.37
O3B NAP F . -11.06 7.29 -26.79
C2B NAP F . -8.79 8.33 -26.96
O2B NAP F . -9.51 9.37 -27.62
C1B NAP F . -8.04 8.87 -25.73
N9A NAP F . -6.63 8.95 -26.11
C8A NAP F . -5.81 7.96 -26.43
N7A NAP F . -4.58 8.42 -26.80
C5A NAP F . -4.65 9.76 -26.79
C6A NAP F . -3.75 10.86 -27.09
N6A NAP F . -2.47 10.65 -27.52
N1A NAP F . -4.26 12.10 -26.92
C2A NAP F . -5.47 12.37 -26.46
N3A NAP F . -6.36 11.38 -26.19
C4A NAP F . -6.00 10.11 -26.33
O3 NAP F . -10.15 4.09 -22.45
PN NAP F . -11.22 3.21 -21.64
O1N NAP F . -12.58 3.85 -21.81
O2N NAP F . -10.94 1.78 -21.87
O5D NAP F . -10.71 3.59 -20.11
C5D NAP F . -11.01 4.83 -19.44
C4D NAP F . -9.99 5.15 -18.38
O4D NAP F . -10.15 4.09 -17.44
C3D NAP F . -8.55 5.12 -18.86
O3D NAP F . -7.73 6.09 -18.19
C2D NAP F . -8.14 3.71 -18.55
O2D NAP F . -6.74 3.53 -18.43
C1D NAP F . -8.92 3.42 -17.28
N1N NAP F . -9.06 1.99 -17.15
C2N NAP F . -9.87 1.31 -18.00
C3N NAP F . -9.96 -0.04 -17.88
C7N NAP F . -10.77 -0.87 -18.85
O7N NAP F . -10.92 -2.08 -18.60
N7N NAP F . -11.25 -0.30 -19.94
C4N NAP F . -9.22 -0.69 -16.92
C5N NAP F . -8.39 0.03 -16.06
C6N NAP F . -8.34 1.39 -16.18
P2B NAP F . -9.97 9.29 -29.23
O1X NAP F . -8.68 9.19 -30.02
O2X NAP F . -10.74 10.58 -29.43
O3X NAP F . -10.76 8.02 -29.25
C1 KP2 G . -7.87 -3.96 -18.94
C2 KP2 G . -8.11 -5.32 -19.17
C3 KP2 G . -7.96 -5.88 -20.44
C4 KP2 G . -7.55 -5.04 -21.46
C5 KP2 G . -7.30 -3.67 -21.22
C6 KP2 G . -7.53 -3.07 -19.97
C7 KP2 G . -7.18 -1.76 -19.78
C8 KP2 G . -7.23 -0.64 -20.57
C9 KP2 G . -7.82 -0.25 -21.72
N1 KP2 G . -8.52 -1.17 -22.39
N2 KP2 G . -7.72 1.01 -22.18
C10 KP2 G . -7.03 1.90 -21.46
N3 KP2 G . -6.84 3.15 -21.78
N4 KP2 G . -6.43 1.56 -20.31
C11 KP2 G . -6.55 0.31 -19.85
N5 KP2 G . -6.07 -0.19 -18.70
C12 KP2 G . -6.43 -1.47 -18.69
C ACT H . -19.73 4.44 -26.87
O ACT H . -20.39 4.58 -25.82
OXT ACT H . -18.72 3.75 -26.92
CH3 ACT H . -20.18 5.18 -28.09
S1 DTU I . -3.57 9.64 17.75
C1 DTU I . -3.71 9.17 19.51
C2 DTU I . -2.62 9.99 20.25
O2 DTU I . -2.33 11.23 19.57
C3 DTU I . -2.89 10.22 21.80
O3 DTU I . -1.98 11.25 22.25
C4 DTU I . -4.29 10.63 22.35
S4 DTU I . -5.70 10.69 21.16
PA NAP J . -16.41 5.68 19.37
O1A NAP J . -17.38 6.80 19.61
O2A NAP J . -15.01 5.63 19.86
O5B NAP J . -17.03 4.24 19.63
C5B NAP J . -18.23 3.85 18.96
C4B NAP J . -19.07 2.96 19.84
O4B NAP J . -18.35 1.76 19.98
C3B NAP J . -19.34 3.40 21.30
O3B NAP J . -20.33 4.42 21.37
C2B NAP J . -19.57 2.05 22.00
O2B NAP J . -20.90 1.67 22.36
C1B NAP J . -18.96 1.03 20.99
N9A NAP J . -18.07 0.15 21.78
C8A NAP J . -16.95 0.48 22.45
N7A NAP J . -16.47 -0.57 23.06
C5A NAP J . -17.34 -1.62 22.86
C6A NAP J . -17.50 -3.03 23.29
N6A NAP J . -16.63 -3.70 24.09
N1A NAP J . -18.55 -3.72 22.77
C2A NAP J . -19.49 -3.17 21.94
N3A NAP J . -19.43 -1.86 21.57
C4A NAP J . -18.40 -1.10 22.01
O3 NAP J . -16.43 5.59 17.75
PN NAP J . -16.49 6.80 16.67
O1N NAP J . -17.88 7.33 16.49
O2N NAP J . -15.50 7.87 17.10
O5D NAP J . -15.99 6.03 15.34
C5D NAP J . -16.73 5.14 14.54
C4D NAP J . -15.77 4.23 13.78
O4D NAP J . -14.93 5.11 13.00
C3D NAP J . -14.90 3.41 14.75
O3D NAP J . -14.83 2.08 14.27
C2D NAP J . -13.60 4.18 14.73
O2D NAP J . -12.47 3.39 15.00
C1D NAP J . -13.60 4.79 13.32
N1N NAP J . -12.75 5.95 13.27
C2N NAP J . -13.10 7.06 13.91
C3N NAP J . -12.31 8.19 13.97
C7N NAP J . -12.76 9.42 14.66
O7N NAP J . -12.08 10.42 14.52
N7N NAP J . -13.92 9.51 15.38
C4N NAP J . -11.09 8.10 13.31
C5N NAP J . -10.70 6.95 12.65
C6N NAP J . -11.55 5.87 12.65
P2B NAP J . -21.60 2.32 23.69
O1X NAP J . -20.89 1.69 24.83
O2X NAP J . -23.03 1.89 23.43
O3X NAP J . -21.50 3.80 23.55
C1 KP2 K . -8.88 10.31 15.97
C2 KP2 K . -8.28 11.53 16.22
C3 KP2 K . -8.20 12.02 17.52
C4 KP2 K . -8.72 11.25 18.56
C5 KP2 K . -9.29 10.00 18.27
C6 KP2 K . -9.46 9.53 16.98
C7 KP2 K . -9.93 8.23 16.77
C8 KP2 K . -10.87 7.38 17.34
C9 KP2 K . -11.92 7.45 18.20
N1 KP2 K . -12.16 8.61 18.79
N2 KP2 K . -12.69 6.37 18.49
C10 KP2 K . -12.44 5.18 17.90
N3 KP2 K . -13.17 4.11 18.18
N4 KP2 K . -11.46 5.08 16.98
C11 KP2 K . -10.70 6.16 16.71
N5 KP2 K . -9.68 6.23 15.84
C12 KP2 K . -9.18 7.46 15.91
S1 DTU L . 10.85 17.59 1.03
C1 DTU L . 10.22 19.06 1.90
C2 DTU L . 10.22 20.28 0.95
O2 DTU L . 9.01 21.02 1.14
C3 DTU L . 11.47 21.17 1.18
O3 DTU L . 12.63 20.45 0.77
C4 DTU L . 11.40 22.44 0.37
S4 DTU L . 12.45 23.67 1.22
PA NAP M . 21.24 14.15 -5.50
O1A NAP M . 22.61 14.31 -4.89
O2A NAP M . 20.10 15.15 -5.55
O5B NAP M . 21.57 13.79 -7.02
C5B NAP M . 22.46 12.72 -7.28
C4B NAP M . 23.08 12.97 -8.66
O4B NAP M . 22.12 12.75 -9.67
C3B NAP M . 23.73 14.33 -8.98
O3B NAP M . 25.04 14.35 -8.52
C2B NAP M . 23.78 14.31 -10.49
O2B NAP M . 25.08 14.02 -10.98
C1B NAP M . 22.72 13.25 -10.85
N9A NAP M . 21.80 13.98 -11.73
C8A NAP M . 21.02 15.00 -11.42
N7A NAP M . 20.41 15.45 -12.54
C5A NAP M . 20.86 14.72 -13.57
C6A NAP M . 20.67 14.69 -15.00
N6A NAP M . 19.83 15.57 -15.56
N1A NAP M . 21.39 13.76 -15.73
C2A NAP M . 22.24 12.85 -15.17
N3A NAP M . 22.49 12.86 -13.82
C4A NAP M . 21.82 13.76 -13.03
O3 NAP M . 20.79 12.72 -4.95
PN NAP M . 21.07 12.09 -3.50
O1N NAP M . 22.46 11.51 -3.43
O2N NAP M . 20.48 13.11 -2.62
O5D NAP M . 20.12 10.81 -3.59
C5D NAP M . 20.42 9.60 -4.28
C4D NAP M . 19.11 8.88 -4.61
O4D NAP M . 18.34 8.61 -3.39
C3D NAP M . 18.23 9.76 -5.47
O3D NAP M . 17.58 8.96 -6.41
C2D NAP M . 17.22 10.34 -4.54
O2D NAP M . 16.03 10.74 -5.27
C1D NAP M . 17.06 9.26 -3.50
N1N NAP M . 16.62 9.86 -2.25
C2N NAP M . 17.45 10.61 -1.53
C3N NAP M . 17.05 11.20 -0.35
C7N NAP M . 17.99 12.01 0.47
O7N NAP M . 17.60 12.30 1.60
N7N NAP M . 19.20 12.41 -0.02
C4N NAP M . 15.76 11.01 0.07
C5N NAP M . 14.88 10.21 -0.69
C6N NAP M . 15.33 9.65 -1.86
P2B NAP M . 26.19 15.21 -11.26
O1X NAP M . 27.25 14.31 -11.93
O2X NAP M . 26.58 15.76 -9.88
O3X NAP M . 25.56 16.29 -12.15
C1 KP2 N . 15.74 16.62 0.06
C2 KP2 N . 15.62 17.41 1.21
C3 KP2 N . 15.16 16.85 2.40
C4 KP2 N . 14.80 15.51 2.43
C5 KP2 N . 14.92 14.74 1.28
C6 KP2 N . 15.45 15.25 0.07
C7 KP2 N . 15.44 14.52 -1.08
C8 KP2 N . 16.21 14.48 -2.19
C9 KP2 N . 17.39 15.00 -2.62
N1 KP2 N . 18.04 15.84 -1.83
N2 KP2 N . 17.90 14.69 -3.82
C10 KP2 N . 17.23 13.83 -4.64
N3 KP2 N . 17.69 13.52 -5.85
N4 KP2 N . 16.08 13.28 -4.23
C11 KP2 N . 15.58 13.61 -3.04
N5 KP2 N . 14.46 13.17 -2.47
C12 KP2 N . 14.34 13.75 -1.30
S1 DTU O . -3.28 -19.76 -0.79
C1 DTU O . -2.69 -21.34 -0.08
C2 DTU O . -4.02 -22.06 0.20
O2 DTU O . -4.85 -21.99 -0.98
C3 DTU O . -3.91 -23.54 0.64
O3 DTU O . -4.23 -24.40 -0.46
C4 DTU O . -2.55 -23.95 1.18
S4 DTU O . -2.82 -25.42 2.26
PA NAP P . 4.89 -23.58 9.70
O1A NAP P . 5.75 -24.77 9.46
O2A NAP P . 3.45 -23.60 9.27
O5B NAP P . 4.89 -23.34 11.29
C5B NAP P . 6.11 -23.13 12.01
C4B NAP P . 5.90 -23.39 13.51
O4B NAP P . 4.80 -22.68 14.08
C3B NAP P . 5.55 -24.85 13.79
O3B NAP P . 6.73 -25.63 13.81
C2B NAP P . 4.82 -24.82 15.14
O2B NAP P . 5.62 -25.39 16.19
C1B NAP P . 4.53 -23.31 15.33
N9A NAP P . 3.13 -23.20 15.85
C8A NAP P . 1.99 -23.48 15.22
N7A NAP P . 0.96 -23.27 16.07
C5A NAP P . 1.47 -22.91 17.28
C6A NAP P . 0.99 -22.58 18.60
N6A NAP P . -0.31 -22.59 18.91
N1A NAP P . 1.88 -22.22 19.56
C2A NAP P . 3.19 -22.22 19.32
N3A NAP P . 3.68 -22.50 18.11
C4A NAP P . 2.89 -22.86 17.09
O3 NAP P . 5.69 -22.27 9.29
PN NAP P . 6.61 -22.09 7.98
O1N NAP P . 7.97 -22.52 8.37
O2N NAP P . 5.81 -22.63 6.82
O5D NAP P . 6.59 -20.46 7.87
C5D NAP P . 7.42 -19.63 8.71
C4D NAP P . 6.83 -18.24 8.89
O4D NAP P . 6.82 -17.63 7.60
C3D NAP P . 5.38 -18.28 9.38
O3D NAP P . 5.05 -17.15 10.20
C2D NAP P . 4.56 -18.21 8.10
O2D NAP P . 3.27 -17.60 8.22
C1D NAP P . 5.44 -17.36 7.25
N1N NAP P . 5.17 -17.67 5.87
C2N NAP P . 5.51 -18.84 5.32
C3N NAP P . 5.25 -19.12 3.97
C7N NAP P . 5.62 -20.43 3.35
O7N NAP P . 5.62 -20.53 2.14
N7N NAP P . 5.91 -21.50 4.13
C4N NAP P . 4.63 -18.14 3.20
C5N NAP P . 4.30 -16.93 3.79
C6N NAP P . 4.59 -16.70 5.12
P2B NAP P . 5.73 -27.00 16.55
O1X NAP P . 4.37 -27.36 17.05
O2X NAP P . 6.86 -26.93 17.52
O3X NAP P . 6.14 -27.73 15.30
C1 KP2 Q . 2.41 -20.74 1.18
C2 KP2 Q . 2.24 -21.45 -0.01
C3 KP2 Q . 1.49 -22.62 -0.06
C4 KP2 Q . 0.92 -23.06 1.12
C5 KP2 Q . 1.11 -22.36 2.32
C6 KP2 Q . 1.90 -21.21 2.41
C7 KP2 Q . 1.94 -20.51 3.60
C8 KP2 Q . 2.13 -20.89 4.92
C9 KP2 Q . 2.45 -22.02 5.60
N1 KP2 Q . 2.66 -23.16 4.91
N2 KP2 Q . 2.57 -22.03 6.96
C10 KP2 Q . 2.34 -20.88 7.67
N3 KP2 Q . 2.43 -20.85 8.98
N4 KP2 Q . 2.01 -19.74 7.03
C11 KP2 Q . 1.92 -19.75 5.67
N5 KP2 Q . 1.61 -18.73 4.86
C12 KP2 Q . 1.59 -19.21 3.59
#